data_6A9K
#
_entry.id   6A9K
#
_cell.length_a   90.986
_cell.length_b   36.553
_cell.length_c   111.986
_cell.angle_alpha   90.00
_cell.angle_beta   91.50
_cell.angle_gamma   90.00
#
_symmetry.space_group_name_H-M   'P 1 21 1'
#
loop_
_entity.id
_entity.type
_entity.pdbx_description
1 polymer 'IMMUNOGLOBULIN 9C10 L CHAIN'
2 polymer 'IMMUNOGLOBULIN 9C10 H CHAIN'
3 non-polymer '5-[(2R,3R)-2-[2,2-bis(chloranyl)ethanoylamino]-3-(4-nitrophenyl)-3-[oxidanyl-[[4-[2,2,2-tris(fluoranyl)ethanoylamino]phenyl]methyl]phosphoryl]oxy-propoxy]-5-oxidanylidene-pentanoic acid'
4 water water
#
loop_
_entity_poly.entity_id
_entity_poly.type
_entity_poly.pdbx_seq_one_letter_code
_entity_poly.pdbx_strand_id
1 'polypeptide(L)'
;DLLMAQTPLSLPVSLGDQASISCRSSQSLVHSSGNTYLEWYLQKPGQSPKLLIYKISNRFSGVPDRFSGSGSGTDFTLKI
SRVEAEDLGVYYCFQTSHVPPTFGGGTKLEIKRADAAPTVSIFPPSSEQLTSGGASVVCFLNNFYPKDINVKWKIDGSER
QNGVLNSWTDQDSKDSTYSMSSTLTLTKDEYERHNSYTCEATHKTSTSPIVKSFNRNEC
;
L,A
2 'polypeptide(L)'
;EVMLVESGGGLVKPGGSLKLSCAASEFTFSTYIMSWVRQTPEKRLEWVATISSSGTYTYYRDSVKGRFTVSRDNANNILY
LQMSSLRSEDTALYYCARRDYYDGFTYWGQGTLVTVSAAKTTPPSVYPLAPGSAAQTNSMVTLGCLVKGYFPEPVTVTWN
SGSLSSGVHTFPAVLQSDLYTLSSSVTVPSSTWPSETVTCNVAHPASSTKVDKKIVPRDC
;
H,B
#
loop_
_chem_comp.id
_chem_comp.type
_chem_comp.name
_chem_comp.formula
9T0 non-polymer '5-[(2R,3R)-2-[2,2-bis(chloranyl)ethanoylamino]-3-(4-nitrophenyl)-3-[oxidanyl-[[4-[2,2,2-tris(fluoranyl)ethanoylamino]phenyl]methyl]phosphoryl]oxy-propoxy]-5-oxidanylidene-pentanoic acid' 'C25 H25 Cl2 F3 N3 O11 P'
#
# COMPACT_ATOMS: atom_id res chain seq x y z
N ASP A 1 29.53 -15.05 35.24
CA ASP A 1 30.37 -15.93 36.10
C ASP A 1 29.91 -17.41 35.98
N LEU A 2 28.84 -17.79 36.68
CA LEU A 2 28.33 -19.15 36.65
C LEU A 2 27.52 -19.28 35.35
N LEU A 3 27.94 -20.19 34.47
CA LEU A 3 27.18 -20.44 33.26
C LEU A 3 26.54 -21.83 33.31
N MET A 4 25.34 -21.91 32.75
CA MET A 4 24.61 -23.16 32.63
C MET A 4 24.53 -23.44 31.16
N ALA A 5 25.35 -24.36 30.65
CA ALA A 5 25.40 -24.63 29.20
C ALA A 5 24.65 -25.89 28.80
N GLN A 6 23.60 -25.75 28.00
CA GLN A 6 22.87 -26.94 27.57
C GLN A 6 23.25 -27.42 26.16
N THR A 7 23.31 -28.75 25.99
CA THR A 7 23.40 -29.36 24.65
C THR A 7 22.39 -30.47 24.50
N PRO A 8 21.91 -30.67 23.25
CA PRO A 8 22.17 -29.76 22.12
C PRO A 8 21.25 -28.52 22.10
N LEU A 9 21.41 -27.66 21.11
CA LEU A 9 20.46 -26.57 20.94
C LEU A 9 19.13 -27.10 20.50
N SER A 10 19.18 -28.13 19.66
CA SER A 10 17.98 -28.75 19.09
C SER A 10 18.14 -30.27 19.00
N LEU A 11 17.09 -31.03 19.38
CA LEU A 11 17.15 -32.51 19.46
C LEU A 11 15.98 -33.20 18.79
N PRO A 12 16.16 -33.72 17.54
CA PRO A 12 15.10 -34.48 16.90
C PRO A 12 14.96 -35.91 17.42
N VAL A 13 13.74 -36.30 17.74
CA VAL A 13 13.50 -37.64 18.25
C VAL A 13 12.13 -38.14 17.82
N SER A 14 12.09 -39.43 17.47
CA SER A 14 10.89 -40.12 17.03
C SER A 14 10.03 -40.36 18.21
N LEU A 15 8.71 -40.32 17.99
CA LEU A 15 7.75 -40.75 19.00
C LEU A 15 8.08 -42.13 19.42
N GLY A 16 8.06 -42.34 20.73
CA GLY A 16 8.44 -43.61 21.26
C GLY A 16 9.92 -43.82 21.58
N ASP A 17 10.84 -43.01 21.06
CA ASP A 17 12.23 -43.17 21.36
C ASP A 17 12.59 -42.36 22.61
N GLN A 18 13.82 -42.51 23.05
CA GLN A 18 14.29 -41.87 24.27
C GLN A 18 15.05 -40.62 23.87
N ALA A 19 14.82 -39.51 24.57
CA ALA A 19 15.61 -38.28 24.36
C ALA A 19 16.46 -37.95 25.59
N SER A 20 17.68 -37.49 25.40
CA SER A 20 18.52 -37.15 26.52
C SER A 20 19.10 -35.76 26.27
N ILE A 21 19.09 -34.91 27.31
CA ILE A 21 19.46 -33.50 27.26
C ILE A 21 20.45 -33.20 28.38
N SER A 22 21.51 -32.46 28.09
CA SER A 22 22.57 -32.26 29.07
C SER A 22 22.59 -30.82 29.50
N CYS A 23 22.97 -30.59 30.75
CA CYS A 23 23.14 -29.30 31.32
C CYS A 23 24.46 -29.30 32.09
N ARG A 24 25.42 -28.49 31.62
CA ARG A 24 26.73 -28.44 32.25
C ARG A 24 26.99 -27.07 32.81
N SER A 25 27.22 -27.03 34.10
CA SER A 25 27.49 -25.80 34.77
C SER A 25 28.96 -25.59 34.81
N SER A 26 29.36 -24.32 34.90
CA SER A 26 30.80 -23.99 34.98
C SER A 26 31.41 -24.29 36.35
N GLN A 27 30.65 -24.18 37.44
CA GLN A 27 31.08 -24.60 38.80
C GLN A 27 30.09 -25.63 39.42
N SER A 28 30.54 -26.30 40.48
CA SER A 28 29.75 -27.28 41.25
C SER A 28 28.45 -26.66 41.81
N LEU A 29 27.33 -27.35 41.58
CA LEU A 29 26.00 -26.92 42.07
C LEU A 29 25.67 -27.43 43.45
N VAL A 30 26.69 -27.90 44.20
CA VAL A 30 26.45 -28.38 45.55
C VAL A 30 26.29 -27.17 46.39
N HIS A 31 25.10 -27.03 46.99
CA HIS A 31 24.84 -25.92 47.90
C HIS A 31 25.49 -26.15 49.28
N SER A 32 25.53 -25.12 50.11
CA SER A 32 26.19 -25.14 51.41
C SER A 32 25.55 -26.20 52.33
N SER A 33 24.25 -26.46 52.11
CA SER A 33 23.47 -27.50 52.78
C SER A 33 23.90 -28.95 52.44
N GLY A 34 24.71 -29.11 51.38
CA GLY A 34 25.12 -30.44 50.85
C GLY A 34 24.12 -30.96 49.80
N ASN A 35 23.00 -30.25 49.62
CA ASN A 35 22.00 -30.58 48.56
C ASN A 35 22.31 -29.85 47.26
N THR A 36 21.66 -30.22 46.15
CA THR A 36 21.93 -29.67 44.84
C THR A 36 20.60 -29.22 44.23
N TYR A 37 20.47 -27.93 43.98
CA TYR A 37 19.21 -27.33 43.61
C TYR A 37 19.22 -27.02 42.10
N LEU A 38 19.19 -28.12 41.36
CA LEU A 38 19.19 -28.11 39.91
C LEU A 38 17.75 -28.55 39.53
N GLU A 39 17.08 -27.73 38.73
CA GLU A 39 15.71 -27.93 38.28
C GLU A 39 15.61 -27.95 36.75
N TRP A 40 14.53 -28.56 36.25
CA TRP A 40 14.28 -28.69 34.79
C TRP A 40 12.88 -28.18 34.54
N TYR A 41 12.71 -27.37 33.50
CA TYR A 41 11.43 -26.74 33.13
C TYR A 41 11.20 -27.04 31.64
N LEU A 42 9.95 -27.22 31.26
CA LEU A 42 9.54 -27.32 29.85
C LEU A 42 8.65 -26.18 29.44
N GLN A 43 8.95 -25.56 28.29
CA GLN A 43 8.04 -24.58 27.73
C GLN A 43 7.43 -25.06 26.43
N LYS A 44 6.14 -25.33 26.49
CA LYS A 44 5.39 -25.76 25.33
C LYS A 44 5.10 -24.54 24.51
N PRO A 45 5.06 -24.69 23.17
CA PRO A 45 4.62 -23.55 22.31
C PRO A 45 3.40 -22.80 22.83
N GLY A 46 3.58 -21.49 23.01
CA GLY A 46 2.51 -20.60 23.42
C GLY A 46 2.15 -20.65 24.89
N GLN A 47 2.95 -21.35 25.67
CA GLN A 47 2.64 -21.63 27.07
C GLN A 47 3.67 -21.04 27.97
N SER A 48 3.37 -20.95 29.24
CA SER A 48 4.41 -20.60 30.20
C SER A 48 5.31 -21.78 30.43
N PRO A 49 6.52 -21.54 30.92
CA PRO A 49 7.28 -22.67 31.39
C PRO A 49 6.54 -23.39 32.51
N LYS A 50 6.78 -24.69 32.61
CA LYS A 50 6.28 -25.56 33.67
C LYS A 50 7.39 -26.47 34.27
N LEU A 51 7.31 -26.66 35.60
CA LEU A 51 8.28 -27.46 36.33
C LEU A 51 8.11 -28.96 35.97
N LEU A 52 9.23 -29.62 35.72
CA LEU A 52 9.31 -31.08 35.60
C LEU A 52 9.98 -31.71 36.81
N ILE A 53 11.20 -31.25 37.09
CA ILE A 53 12.13 -31.88 38.03
C ILE A 53 12.81 -30.84 38.96
N TYR A 54 12.91 -31.14 40.25
CA TYR A 54 13.60 -30.34 41.23
C TYR A 54 14.57 -31.21 42.01
N LYS A 55 15.51 -30.57 42.66
CA LYS A 55 16.57 -31.28 43.40
C LYS A 55 17.20 -32.43 42.63
N ILE A 56 17.68 -32.13 41.41
CA ILE A 56 18.27 -33.04 40.45
C ILE A 56 17.30 -34.04 39.82
N SER A 57 16.53 -34.77 40.61
CA SER A 57 15.87 -35.99 40.17
C SER A 57 14.46 -36.19 40.61
N ASN A 58 13.93 -35.27 41.39
CA ASN A 58 12.62 -35.48 41.96
C ASN A 58 11.54 -34.92 41.02
N ARG A 59 10.52 -35.70 40.70
CA ARG A 59 9.45 -35.19 39.83
C ARG A 59 8.42 -34.36 40.56
N PHE A 60 8.09 -33.21 40.00
CA PHE A 60 6.91 -32.45 40.42
C PHE A 60 5.62 -33.27 40.26
N SER A 61 4.68 -32.98 41.15
CA SER A 61 3.41 -33.66 41.17
C SER A 61 2.78 -33.58 39.82
N GLY A 62 2.33 -34.73 39.36
CA GLY A 62 1.55 -34.83 38.11
C GLY A 62 2.43 -35.01 36.89
N VAL A 63 3.76 -34.90 37.05
CA VAL A 63 4.69 -35.10 35.90
C VAL A 63 4.77 -36.60 35.58
N PRO A 64 4.52 -37.01 34.31
CA PRO A 64 4.64 -38.39 33.87
C PRO A 64 5.95 -39.02 34.28
N ASP A 65 5.88 -40.27 34.69
CA ASP A 65 7.08 -40.96 35.13
C ASP A 65 8.08 -41.20 33.98
N ARG A 66 7.73 -40.88 32.74
CA ARG A 66 8.74 -41.01 31.67
C ARG A 66 9.85 -39.96 31.72
N PHE A 67 9.65 -38.86 32.50
CA PHE A 67 10.66 -37.79 32.63
C PHE A 67 11.55 -38.11 33.80
N SER A 68 12.86 -38.13 33.60
CA SER A 68 13.73 -38.30 34.75
C SER A 68 15.02 -37.52 34.67
N GLY A 69 15.56 -37.21 35.84
CA GLY A 69 16.68 -36.36 35.99
C GLY A 69 17.76 -37.08 36.75
N SER A 70 19.00 -36.83 36.34
CA SER A 70 20.16 -37.42 36.96
C SER A 70 21.29 -36.42 36.89
N GLY A 71 22.35 -36.76 37.63
CA GLY A 71 23.65 -36.17 37.48
C GLY A 71 24.19 -35.74 38.84
N SER A 72 25.37 -35.12 38.83
CA SER A 72 26.02 -34.56 40.03
C SER A 72 27.06 -33.48 39.70
N GLY A 73 27.42 -32.72 40.72
CA GLY A 73 28.45 -31.69 40.60
C GLY A 73 28.22 -30.67 39.50
N THR A 74 28.83 -30.88 38.33
CA THR A 74 28.66 -29.99 37.21
C THR A 74 27.85 -30.58 36.03
N ASP A 75 27.47 -31.84 36.05
CA ASP A 75 26.86 -32.43 34.85
C ASP A 75 25.51 -33.01 35.15
N PHE A 76 24.49 -32.58 34.43
CA PHE A 76 23.14 -33.04 34.67
C PHE A 76 22.48 -33.43 33.40
N THR A 77 21.55 -34.37 33.52
CA THR A 77 20.90 -34.89 32.35
C THR A 77 19.40 -35.06 32.61
N LEU A 78 18.58 -34.63 31.64
CA LEU A 78 17.16 -34.90 31.65
C LEU A 78 16.89 -35.95 30.59
N LYS A 79 16.23 -37.03 30.98
CA LYS A 79 15.85 -38.06 30.05
C LYS A 79 14.38 -38.12 29.92
N ILE A 80 13.92 -38.22 28.66
CA ILE A 80 12.54 -38.58 28.35
C ILE A 80 12.50 -39.90 27.58
N SER A 81 11.82 -40.90 28.12
CA SER A 81 12.07 -42.31 27.74
C SER A 81 11.21 -42.91 26.61
N ARG A 82 10.00 -42.40 26.44
CA ARG A 82 9.08 -42.82 25.37
C ARG A 82 8.36 -41.58 24.95
N VAL A 83 8.99 -40.82 24.07
CA VAL A 83 8.55 -39.48 23.75
C VAL A 83 7.16 -39.45 23.09
N GLU A 84 6.35 -38.47 23.48
CA GLU A 84 5.05 -38.22 22.90
C GLU A 84 5.07 -36.85 22.25
N ALA A 85 4.15 -36.66 21.31
CA ALA A 85 3.98 -35.46 20.57
C ALA A 85 3.90 -34.22 21.46
N GLU A 86 3.07 -34.28 22.51
CA GLU A 86 2.94 -33.21 23.49
C GLU A 86 4.21 -32.89 24.26
N ASP A 87 5.27 -33.70 24.17
CA ASP A 87 6.56 -33.35 24.84
C ASP A 87 7.40 -32.31 24.13
N LEU A 88 7.01 -31.89 22.92
CA LEU A 88 7.82 -30.94 22.16
C LEU A 88 7.70 -29.59 22.81
N GLY A 89 8.77 -28.83 22.65
CA GLY A 89 8.99 -27.52 23.24
C GLY A 89 10.46 -27.34 23.56
N VAL A 90 10.74 -26.36 24.43
CA VAL A 90 12.06 -26.03 24.86
C VAL A 90 12.17 -26.39 26.35
N TYR A 91 13.28 -27.06 26.67
CA TYR A 91 13.59 -27.59 27.96
C TYR A 91 14.77 -26.76 28.47
N TYR A 92 14.61 -26.25 29.67
CA TYR A 92 15.58 -25.42 30.31
C TYR A 92 16.03 -25.99 31.67
N CYS A 93 17.33 -26.16 31.88
CA CYS A 93 17.77 -26.43 33.23
C CYS A 93 17.89 -25.07 34.01
N PHE A 94 17.91 -25.12 35.34
CA PHE A 94 17.96 -23.97 36.15
C PHE A 94 18.64 -24.32 37.44
N GLN A 95 19.46 -23.41 37.95
CA GLN A 95 20.11 -23.67 39.28
C GLN A 95 19.89 -22.58 40.29
N THR A 96 19.61 -22.97 41.54
CA THR A 96 19.56 -21.98 42.60
C THR A 96 20.40 -22.36 43.82
N SER A 97 21.43 -23.16 43.59
CA SER A 97 22.38 -23.51 44.60
C SER A 97 23.29 -22.29 44.96
N HIS A 98 23.53 -21.43 43.97
CA HIS A 98 24.49 -20.31 44.07
C HIS A 98 23.95 -19.05 43.42
N VAL A 99 23.87 -18.01 44.23
CA VAL A 99 23.46 -16.71 43.76
C VAL A 99 24.44 -16.27 42.69
N PRO A 100 23.95 -15.71 41.55
CA PRO A 100 22.55 -15.51 41.16
C PRO A 100 21.96 -16.75 40.49
N PRO A 101 20.71 -17.04 40.79
CA PRO A 101 20.03 -18.14 40.08
C PRO A 101 20.06 -17.94 38.57
N THR A 102 20.29 -19.01 37.85
CA THR A 102 20.59 -18.98 36.42
C THR A 102 19.95 -20.12 35.72
N PHE A 103 19.35 -19.81 34.54
CA PHE A 103 18.86 -20.78 33.57
C PHE A 103 19.89 -21.13 32.56
N GLY A 104 19.85 -22.39 32.13
CA GLY A 104 20.35 -22.79 30.82
C GLY A 104 19.75 -22.08 29.62
N GLY A 105 20.41 -22.14 28.48
CA GLY A 105 19.91 -21.43 27.32
C GLY A 105 18.77 -22.14 26.60
N GLY A 106 18.51 -23.41 26.97
CA GLY A 106 17.37 -24.16 26.43
C GLY A 106 17.73 -25.12 25.35
N THR A 107 16.99 -26.22 25.26
CA THR A 107 17.15 -27.17 24.17
C THR A 107 15.77 -27.44 23.60
N LYS A 108 15.62 -27.29 22.28
CA LYS A 108 14.39 -27.70 21.58
C LYS A 108 14.32 -29.19 21.32
N LEU A 109 13.28 -29.81 21.84
CA LEU A 109 12.91 -31.13 21.46
C LEU A 109 12.01 -31.06 20.23
N GLU A 110 12.45 -31.69 19.17
CA GLU A 110 11.72 -31.73 17.91
C GLU A 110 11.25 -33.16 17.59
N ILE A 111 9.98 -33.34 17.26
CA ILE A 111 9.45 -34.62 16.92
C ILE A 111 9.85 -34.93 15.47
N LYS A 112 10.46 -36.10 15.31
CA LYS A 112 11.00 -36.51 14.03
C LYS A 112 9.91 -37.31 13.38
N ARG A 113 9.37 -36.78 12.32
CA ARG A 113 8.34 -37.48 11.58
C ARG A 113 8.89 -37.70 10.21
N ALA A 114 8.10 -38.39 9.40
CA ALA A 114 8.41 -38.59 8.01
C ALA A 114 8.58 -37.26 7.26
N ASP A 115 9.58 -37.20 6.39
CA ASP A 115 9.79 -36.03 5.54
C ASP A 115 8.48 -35.63 4.84
N ALA A 116 8.14 -34.33 4.84
CA ALA A 116 6.96 -33.84 4.08
C ALA A 116 7.31 -32.53 3.39
N ALA A 117 6.92 -32.43 2.14
CA ALA A 117 7.26 -31.27 1.36
C ALA A 117 6.23 -30.18 1.67
N PRO A 118 6.63 -28.90 1.57
CA PRO A 118 5.70 -27.80 1.76
C PRO A 118 4.65 -27.66 0.67
N THR A 119 3.50 -27.16 1.05
CA THR A 119 2.52 -26.70 0.13
C THR A 119 2.74 -25.21 0.06
N VAL A 120 3.05 -24.72 -1.13
CA VAL A 120 3.42 -23.32 -1.35
C VAL A 120 2.31 -22.53 -1.97
N SER A 121 1.99 -21.34 -1.42
CA SER A 121 0.97 -20.45 -1.95
C SER A 121 1.59 -19.06 -2.10
N ILE A 122 1.34 -18.38 -3.22
CA ILE A 122 1.89 -17.05 -3.40
C ILE A 122 0.80 -16.02 -3.47
N PHE A 123 1.09 -14.82 -2.98
CA PHE A 123 0.08 -13.73 -2.96
C PHE A 123 0.65 -12.39 -3.37
N PRO A 124 0.13 -11.84 -4.48
CA PRO A 124 0.43 -10.46 -4.83
C PRO A 124 0.03 -9.49 -3.75
N PRO A 125 0.60 -8.27 -3.78
CA PRO A 125 0.08 -7.23 -2.90
C PRO A 125 -1.39 -7.00 -3.11
N SER A 126 -2.13 -6.82 -2.04
CA SER A 126 -3.54 -6.43 -2.16
C SER A 126 -3.69 -5.04 -2.77
N SER A 127 -4.85 -4.83 -3.38
CA SER A 127 -5.17 -3.49 -3.92
C SER A 127 -5.14 -2.45 -2.83
N GLU A 128 -5.71 -2.74 -1.66
CA GLU A 128 -5.61 -1.76 -0.57
C GLU A 128 -4.23 -1.44 -0.11
N GLN A 129 -3.31 -2.40 -0.09
CA GLN A 129 -1.97 -2.06 0.36
C GLN A 129 -1.29 -1.11 -0.65
N LEU A 130 -1.52 -1.39 -1.92
CA LEU A 130 -0.98 -0.58 -3.01
C LEU A 130 -1.60 0.82 -2.92
N THR A 131 -2.92 0.87 -2.64
CA THR A 131 -3.68 2.12 -2.40
C THR A 131 -2.99 2.94 -1.32
N SER A 132 -2.43 2.26 -0.33
CA SER A 132 -1.60 2.91 0.70
C SER A 132 -0.13 3.13 0.35
N GLY A 133 0.33 2.84 -0.87
CA GLY A 133 1.72 3.08 -1.21
C GLY A 133 2.79 2.07 -0.79
N GLY A 134 2.37 0.90 -0.32
CA GLY A 134 3.36 -0.16 0.00
C GLY A 134 3.10 -1.45 -0.79
N ALA A 135 4.03 -2.39 -0.77
CA ALA A 135 3.82 -3.62 -1.52
C ALA A 135 4.54 -4.77 -0.89
N SER A 136 3.78 -5.71 -0.34
CA SER A 136 4.34 -6.89 0.22
C SER A 136 3.87 -8.02 -0.59
N VAL A 137 4.83 -8.83 -1.02
CA VAL A 137 4.54 -10.06 -1.70
C VAL A 137 4.76 -11.19 -0.74
N VAL A 138 3.74 -12.04 -0.59
CA VAL A 138 3.76 -13.09 0.43
C VAL A 138 3.72 -14.53 -0.13
N CYS A 139 4.58 -15.37 0.42
CA CYS A 139 4.61 -16.74 0.12
C CYS A 139 4.47 -17.52 1.41
N PHE A 140 3.50 -18.44 1.44
CA PHE A 140 3.33 -19.35 2.54
C PHE A 140 3.83 -20.73 2.10
N LEU A 141 4.60 -21.35 2.99
CA LEU A 141 5.08 -22.74 2.87
C LEU A 141 4.58 -23.52 4.05
N ASN A 142 3.53 -24.30 3.85
CA ASN A 142 2.81 -24.90 4.93
C ASN A 142 3.05 -26.40 5.07
N ASN A 143 3.11 -26.86 6.34
CA ASN A 143 3.06 -28.29 6.66
C ASN A 143 4.21 -29.14 6.05
N PHE A 144 5.42 -28.77 6.43
CA PHE A 144 6.61 -29.45 5.97
C PHE A 144 7.52 -29.93 7.12
N TYR A 145 8.42 -30.82 6.74
CA TYR A 145 9.38 -31.43 7.70
C TYR A 145 10.51 -32.04 6.89
N PRO A 146 11.78 -31.82 7.30
CA PRO A 146 12.32 -31.06 8.43
C PRO A 146 12.22 -29.56 8.26
N LYS A 147 12.77 -28.83 9.23
CA LYS A 147 12.53 -27.39 9.37
C LYS A 147 13.34 -26.60 8.37
N ASP A 148 14.53 -27.09 8.10
CA ASP A 148 15.51 -26.40 7.30
C ASP A 148 14.98 -26.28 5.86
N ILE A 149 14.96 -25.05 5.37
CA ILE A 149 14.37 -24.74 4.09
C ILE A 149 14.93 -23.40 3.65
N ASN A 150 15.24 -23.30 2.36
CA ASN A 150 15.76 -22.07 1.76
C ASN A 150 14.73 -21.55 0.72
N VAL A 151 14.39 -20.28 0.85
CA VAL A 151 13.45 -19.66 -0.04
C VAL A 151 14.11 -18.54 -0.85
N LYS A 152 14.12 -18.74 -2.16
CA LYS A 152 14.68 -17.75 -3.07
C LYS A 152 13.50 -16.96 -3.68
N TRP A 153 13.65 -15.65 -3.76
CA TRP A 153 12.74 -14.85 -4.51
C TRP A 153 13.44 -14.41 -5.73
N LYS A 154 12.68 -14.41 -6.81
CA LYS A 154 13.14 -13.79 -8.07
C LYS A 154 12.09 -12.81 -8.63
N ILE A 155 12.61 -11.68 -9.05
CA ILE A 155 11.88 -10.61 -9.69
C ILE A 155 12.39 -10.44 -11.12
N ASP A 156 11.56 -10.75 -12.11
CA ASP A 156 11.95 -10.77 -13.53
C ASP A 156 13.33 -11.48 -13.66
N GLY A 157 13.49 -12.59 -12.93
CA GLY A 157 14.70 -13.42 -12.99
C GLY A 157 15.84 -13.03 -12.10
N SER A 158 15.95 -11.77 -11.76
CA SER A 158 16.97 -11.32 -10.86
C SER A 158 16.66 -11.86 -9.45
N GLU A 159 17.58 -12.66 -8.90
CA GLU A 159 17.42 -13.12 -7.54
C GLU A 159 17.41 -11.91 -6.68
N ARG A 160 16.53 -11.91 -5.70
CA ARG A 160 16.33 -10.79 -4.85
C ARG A 160 16.49 -11.19 -3.40
N GLN A 161 17.49 -10.65 -2.71
CA GLN A 161 17.78 -11.06 -1.34
C GLN A 161 17.43 -10.00 -0.30
N ASN A 162 17.56 -8.74 -0.68
CA ASN A 162 17.18 -7.62 0.16
C ASN A 162 15.64 -7.42 0.18
N GLY A 163 15.06 -7.17 1.36
CA GLY A 163 13.60 -7.00 1.53
C GLY A 163 12.83 -8.26 1.93
N VAL A 164 13.51 -9.41 2.05
CA VAL A 164 12.87 -10.71 2.23
C VAL A 164 13.01 -11.09 3.68
N LEU A 165 11.89 -11.29 4.39
CA LEU A 165 11.90 -11.79 5.78
C LEU A 165 11.06 -13.08 5.95
N ASN A 166 11.69 -14.08 6.58
CA ASN A 166 11.12 -15.39 6.78
C ASN A 166 10.74 -15.61 8.25
N SER A 167 9.54 -16.11 8.49
CA SER A 167 9.09 -16.39 9.84
C SER A 167 8.46 -17.79 9.98
N TRP A 168 8.88 -18.55 11.00
CA TRP A 168 8.43 -19.93 11.19
C TRP A 168 7.54 -20.09 12.41
N THR A 169 6.48 -20.86 12.28
CA THR A 169 5.75 -21.31 13.45
C THR A 169 6.62 -22.31 14.23
N ASP A 170 6.29 -22.51 15.50
CA ASP A 170 6.78 -23.65 16.24
C ASP A 170 6.21 -24.94 15.64
N GLN A 171 6.82 -26.07 15.97
CA GLN A 171 6.31 -27.32 15.41
C GLN A 171 4.88 -27.62 15.89
N ASP A 172 4.05 -28.14 15.02
CA ASP A 172 2.65 -28.32 15.37
C ASP A 172 2.50 -29.67 16.05
N SER A 173 2.06 -29.71 17.30
CA SER A 173 1.84 -31.00 17.98
C SER A 173 0.85 -31.95 17.30
N LYS A 174 -0.12 -31.42 16.59
CA LYS A 174 -1.10 -32.26 15.88
C LYS A 174 -0.50 -33.08 14.74
N ASP A 175 0.45 -32.50 13.99
CA ASP A 175 1.01 -33.24 12.87
C ASP A 175 2.55 -33.25 12.77
N SER A 176 3.23 -32.59 13.71
CA SER A 176 4.68 -32.56 13.74
C SER A 176 5.33 -31.86 12.54
N THR A 177 4.58 -30.97 11.89
CA THR A 177 5.15 -30.15 10.81
C THR A 177 5.43 -28.75 11.27
N TYR A 178 6.21 -28.08 10.45
CA TYR A 178 6.41 -26.67 10.51
C TYR A 178 5.65 -25.97 9.32
N SER A 179 5.42 -24.68 9.48
CA SER A 179 5.00 -23.81 8.42
C SER A 179 5.84 -22.54 8.47
N MET A 180 5.97 -21.86 7.34
CA MET A 180 6.69 -20.59 7.30
C MET A 180 6.11 -19.58 6.32
N SER A 181 6.27 -18.30 6.62
CA SER A 181 5.93 -17.23 5.72
C SER A 181 7.26 -16.61 5.22
N SER A 182 7.29 -16.26 3.96
CA SER A 182 8.42 -15.53 3.36
C SER A 182 7.82 -14.31 2.70
N THR A 183 8.19 -13.14 3.16
CA THR A 183 7.55 -11.89 2.73
C THR A 183 8.61 -11.01 2.09
N LEU A 184 8.30 -10.57 0.89
CA LEU A 184 9.13 -9.63 0.17
C LEU A 184 8.48 -8.28 0.23
N THR A 185 9.14 -7.31 0.86
CA THR A 185 8.57 -5.99 1.02
C THR A 185 9.25 -4.96 0.15
N LEU A 186 8.50 -4.39 -0.77
CA LEU A 186 9.04 -3.41 -1.77
C LEU A 186 8.22 -2.15 -1.67
N THR A 187 8.76 -1.04 -2.22
CA THR A 187 7.99 0.18 -2.42
C THR A 187 7.00 -0.11 -3.54
N LYS A 188 5.83 0.49 -3.52
CA LYS A 188 4.86 0.36 -4.62
C LYS A 188 5.51 0.63 -5.97
N ASP A 189 6.31 1.70 -6.03
CA ASP A 189 6.97 2.10 -7.27
C ASP A 189 7.89 1.00 -7.75
N GLU A 190 8.75 0.44 -6.90
CA GLU A 190 9.59 -0.65 -7.37
C GLU A 190 8.75 -1.84 -7.82
N TYR A 191 7.72 -2.17 -7.06
CA TYR A 191 6.86 -3.30 -7.39
C TYR A 191 6.28 -3.15 -8.80
N GLU A 192 5.88 -1.93 -9.13
CA GLU A 192 5.20 -1.68 -10.37
C GLU A 192 6.08 -1.55 -11.61
N ARG A 193 7.39 -1.54 -11.38
CA ARG A 193 8.37 -1.59 -12.45
C ARG A 193 8.69 -2.99 -12.93
N HIS A 194 8.18 -4.02 -12.27
CA HIS A 194 8.51 -5.40 -12.59
C HIS A 194 7.21 -6.20 -12.80
N ASN A 195 7.29 -7.26 -13.58
CA ASN A 195 6.12 -8.07 -13.94
C ASN A 195 6.07 -9.50 -13.33
N SER A 196 7.18 -10.26 -13.38
CA SER A 196 7.20 -11.65 -12.89
C SER A 196 7.76 -11.76 -11.46
N TYR A 197 6.97 -12.31 -10.54
CA TYR A 197 7.42 -12.54 -9.18
C TYR A 197 7.32 -14.07 -8.86
N THR A 198 8.38 -14.59 -8.26
CA THR A 198 8.51 -16.02 -8.04
C THR A 198 9.09 -16.23 -6.61
N CYS A 199 8.54 -17.17 -5.88
CA CYS A 199 9.17 -17.65 -4.66
C CYS A 199 9.47 -19.12 -4.92
N GLU A 200 10.72 -19.48 -4.69
CA GLU A 200 11.25 -20.82 -4.96
C GLU A 200 11.72 -21.48 -3.67
N ALA A 201 11.22 -22.67 -3.42
CA ALA A 201 11.51 -23.36 -2.16
C ALA A 201 12.34 -24.58 -2.45
N THR A 202 13.54 -24.54 -1.89
CA THR A 202 14.45 -25.69 -1.83
C THR A 202 14.39 -26.35 -0.44
N HIS A 203 13.98 -27.60 -0.49
CA HIS A 203 13.81 -28.45 0.67
C HIS A 203 14.33 -29.84 0.32
N LYS A 204 14.93 -30.52 1.28
CA LYS A 204 15.53 -31.82 0.96
C LYS A 204 14.56 -32.85 0.44
N THR A 205 13.24 -32.60 0.50
CA THR A 205 12.25 -33.52 -0.03
C THR A 205 12.19 -33.61 -1.59
N SER A 206 12.79 -32.64 -2.28
CA SER A 206 12.91 -32.76 -3.72
C SER A 206 14.23 -32.21 -4.28
N THR A 207 14.61 -32.78 -5.43
CA THR A 207 15.82 -32.37 -6.15
C THR A 207 15.55 -31.05 -6.83
N SER A 208 14.32 -30.92 -7.30
CA SER A 208 13.83 -29.71 -7.94
C SER A 208 13.18 -28.73 -6.94
N PRO A 209 13.49 -27.41 -7.06
CA PRO A 209 12.63 -26.40 -6.45
C PRO A 209 11.12 -26.52 -6.66
N ILE A 210 10.38 -26.12 -5.62
CA ILE A 210 8.96 -25.95 -5.68
C ILE A 210 8.80 -24.45 -5.94
N VAL A 211 8.26 -24.11 -7.09
CA VAL A 211 8.22 -22.73 -7.55
C VAL A 211 6.77 -22.28 -7.66
N LYS A 212 6.45 -21.14 -7.07
CA LYS A 212 5.15 -20.54 -7.27
C LYS A 212 5.45 -19.13 -7.78
N SER A 213 4.64 -18.71 -8.73
CA SER A 213 4.92 -17.55 -9.51
C SER A 213 3.64 -16.80 -9.91
N PHE A 214 3.71 -15.49 -10.06
CA PHE A 214 2.63 -14.75 -10.70
C PHE A 214 3.18 -13.66 -11.60
N ASN A 215 2.35 -13.19 -12.52
CA ASN A 215 2.62 -11.99 -13.35
C ASN A 215 1.78 -10.83 -12.84
N ARG A 216 2.43 -9.69 -12.56
CA ARG A 216 1.71 -8.55 -12.00
C ARG A 216 0.44 -8.15 -12.80
N ASN A 217 0.52 -8.36 -14.12
CA ASN A 217 -0.50 -7.94 -15.08
C ASN A 217 -1.64 -8.93 -15.27
N GLU A 218 -1.55 -10.12 -14.66
CA GLU A 218 -2.60 -11.16 -14.79
C GLU A 218 -3.56 -11.18 -13.58
N CYS A 219 -4.60 -12.02 -13.72
CA CYS A 219 -5.71 -12.23 -12.79
C CYS A 219 -6.99 -11.84 -13.56
N GLU B 1 -7.88 -24.25 40.29
CA GLU B 1 -6.42 -24.55 40.49
C GLU B 1 -5.72 -23.29 40.99
N VAL B 2 -4.58 -23.42 41.64
CA VAL B 2 -3.73 -22.23 41.89
C VAL B 2 -3.71 -21.41 40.64
N MET B 3 -3.82 -20.10 40.79
CA MET B 3 -3.81 -19.21 39.65
C MET B 3 -3.07 -17.92 39.95
N LEU B 4 -2.45 -17.40 38.89
CA LEU B 4 -1.60 -16.24 39.01
C LEU B 4 -1.84 -15.49 37.76
N VAL B 5 -2.19 -14.20 37.89
CA VAL B 5 -2.54 -13.38 36.76
C VAL B 5 -1.77 -12.06 36.83
N GLU B 6 -0.88 -11.81 35.86
CA GLU B 6 -0.08 -10.59 35.79
C GLU B 6 -0.86 -9.47 35.13
N SER B 7 -0.61 -8.25 35.57
CA SER B 7 -1.17 -7.05 34.99
C SER B 7 -0.09 -5.99 34.89
N GLY B 8 -0.25 -5.08 33.94
CA GLY B 8 0.46 -3.84 33.95
C GLY B 8 1.51 -3.64 32.86
N GLY B 9 1.84 -4.68 32.12
CA GLY B 9 2.87 -4.59 31.12
C GLY B 9 2.35 -3.74 29.97
N GLY B 10 3.26 -3.11 29.26
CA GLY B 10 2.88 -2.28 28.15
C GLY B 10 4.09 -1.51 27.70
N LEU B 11 3.86 -0.47 26.91
CA LEU B 11 4.97 0.29 26.30
C LEU B 11 5.42 1.43 27.22
N VAL B 12 6.70 1.54 27.47
CA VAL B 12 7.23 2.56 28.35
C VAL B 12 8.47 3.10 27.71
N LYS B 13 8.73 4.40 27.80
CA LYS B 13 9.88 4.97 27.15
C LYS B 13 11.16 4.63 27.88
N PRO B 14 12.28 4.56 27.19
CA PRO B 14 13.50 4.40 27.94
C PRO B 14 13.65 5.43 29.05
N GLY B 15 14.12 4.96 30.19
CA GLY B 15 14.31 5.79 31.38
C GLY B 15 13.09 5.87 32.24
N GLY B 16 11.99 5.33 31.74
CA GLY B 16 10.73 5.37 32.44
C GLY B 16 10.60 4.37 33.56
N SER B 17 9.43 4.40 34.17
CA SER B 17 9.05 3.52 35.26
C SER B 17 7.77 2.82 34.94
N LEU B 18 7.59 1.58 35.46
CA LEU B 18 6.32 0.87 35.36
C LEU B 18 6.24 -0.08 36.54
N LYS B 19 5.05 -0.34 37.03
CA LYS B 19 4.88 -1.28 38.16
C LYS B 19 3.97 -2.43 37.73
N LEU B 20 4.51 -3.63 37.72
CA LEU B 20 3.70 -4.79 37.43
C LEU B 20 3.07 -5.30 38.71
N SER B 21 1.95 -5.99 38.54
CA SER B 21 1.25 -6.67 39.60
C SER B 21 0.87 -8.08 39.18
N CYS B 22 0.58 -8.92 40.18
CA CYS B 22 0.25 -10.30 39.93
C CYS B 22 -0.74 -10.70 41.00
N ALA B 23 -1.98 -11.03 40.59
CA ALA B 23 -3.04 -11.45 41.51
C ALA B 23 -2.98 -12.98 41.71
N ALA B 24 -2.90 -13.42 42.95
CA ALA B 24 -2.79 -14.85 43.30
C ALA B 24 -4.09 -15.35 43.86
N SER B 25 -4.45 -16.60 43.51
CA SER B 25 -5.66 -17.16 44.08
C SER B 25 -5.59 -18.68 44.18
N GLU B 26 -6.43 -19.18 45.08
CA GLU B 26 -6.58 -20.60 45.33
C GLU B 26 -5.38 -21.23 45.99
N PHE B 27 -4.62 -20.42 46.72
CA PHE B 27 -3.61 -20.97 47.62
C PHE B 27 -3.34 -19.93 48.68
N THR B 28 -2.75 -20.34 49.83
CA THR B 28 -2.40 -19.37 50.85
C THR B 28 -1.19 -18.55 50.45
N PHE B 29 -1.41 -17.47 49.69
CA PHE B 29 -0.35 -16.59 49.13
C PHE B 29 0.73 -16.25 50.15
N SER B 30 0.29 -15.87 51.35
CA SER B 30 1.19 -15.37 52.38
C SER B 30 2.12 -16.39 53.02
N THR B 31 1.91 -17.66 52.70
CA THR B 31 2.77 -18.77 53.11
C THR B 31 3.99 -18.97 52.22
N TYR B 32 4.00 -18.38 51.03
CA TYR B 32 4.91 -18.73 49.96
C TYR B 32 5.85 -17.59 49.55
N ILE B 33 7.07 -18.00 49.29
CA ILE B 33 8.04 -17.24 48.57
C ILE B 33 7.49 -16.98 47.19
N MET B 34 7.69 -15.80 46.66
CA MET B 34 7.21 -15.49 45.28
C MET B 34 8.31 -14.92 44.43
N SER B 35 8.23 -15.11 43.09
CA SER B 35 9.31 -14.73 42.17
C SER B 35 8.78 -14.08 40.91
N TRP B 36 9.62 -13.26 40.32
CA TRP B 36 9.41 -12.76 38.94
C TRP B 36 10.48 -13.35 38.05
N VAL B 37 10.06 -13.84 36.89
CA VAL B 37 11.00 -14.40 35.90
C VAL B 37 10.64 -13.84 34.56
N ARG B 38 11.63 -13.47 33.76
CA ARG B 38 11.29 -12.86 32.44
C ARG B 38 11.85 -13.63 31.28
N GLN B 39 11.16 -13.54 30.17
CA GLN B 39 11.59 -14.18 28.94
C GLN B 39 11.83 -13.14 27.87
N THR B 40 13.07 -13.08 27.37
CA THR B 40 13.43 -12.04 26.42
C THR B 40 12.77 -12.34 25.04
N PRO B 41 12.77 -11.36 24.12
CA PRO B 41 12.23 -11.58 22.78
C PRO B 41 12.94 -12.73 22.08
N GLU B 42 14.22 -12.95 22.39
CA GLU B 42 14.94 -14.10 21.88
C GLU B 42 14.73 -15.39 22.64
N LYS B 43 13.79 -15.43 23.60
CA LYS B 43 13.44 -16.57 24.34
C LYS B 43 14.40 -17.00 25.45
N ARG B 44 15.37 -16.20 25.82
CA ARG B 44 16.15 -16.52 27.01
C ARG B 44 15.31 -16.28 28.28
N LEU B 45 15.39 -17.18 29.24
CA LEU B 45 14.75 -17.03 30.58
C LEU B 45 15.73 -16.42 31.58
N GLU B 46 15.32 -15.33 32.22
CA GLU B 46 16.12 -14.66 33.26
C GLU B 46 15.35 -14.52 34.53
N TRP B 47 15.92 -15.02 35.63
CA TRP B 47 15.30 -14.79 36.95
C TRP B 47 15.50 -13.31 37.19
N VAL B 48 14.47 -12.63 37.70
CA VAL B 48 14.54 -11.18 37.98
C VAL B 48 14.62 -10.88 39.48
N ALA B 49 13.70 -11.44 40.26
CA ALA B 49 13.59 -11.10 41.66
C ALA B 49 12.80 -12.11 42.44
N THR B 50 13.09 -12.18 43.75
CA THR B 50 12.37 -13.01 44.65
C THR B 50 12.12 -12.27 45.98
N ILE B 51 10.96 -12.55 46.59
CA ILE B 51 10.56 -11.99 47.85
C ILE B 51 10.10 -13.12 48.79
N SER B 52 10.53 -13.07 50.05
CA SER B 52 10.15 -14.04 51.02
C SER B 52 8.70 -13.94 51.37
N SER B 53 8.21 -14.99 52.03
CA SER B 53 6.75 -15.05 52.30
C SER B 53 6.23 -13.76 52.97
N SER B 54 6.96 -13.24 53.96
CA SER B 54 6.55 -12.07 54.75
C SER B 54 6.94 -10.74 54.12
N GLY B 55 7.86 -10.77 53.15
CA GLY B 55 8.36 -9.58 52.47
C GLY B 55 9.65 -9.02 53.06
N THR B 56 10.14 -9.64 54.12
CA THR B 56 11.33 -9.17 54.77
C THR B 56 12.57 -9.29 53.93
N TYR B 57 12.68 -10.37 53.15
CA TYR B 57 13.88 -10.53 52.37
C TYR B 57 13.56 -10.44 50.89
N THR B 58 14.43 -9.81 50.13
CA THR B 58 14.25 -9.66 48.70
C THR B 58 15.61 -9.85 48.06
N TYR B 59 15.57 -10.35 46.83
CA TYR B 59 16.73 -10.76 46.08
C TYR B 59 16.50 -10.37 44.63
N TYR B 60 17.58 -9.98 43.94
CA TYR B 60 17.51 -9.44 42.58
C TYR B 60 18.63 -9.93 41.69
N ARG B 61 18.31 -10.09 40.39
CA ARG B 61 19.40 -10.30 39.41
C ARG B 61 20.27 -9.05 39.36
N ASP B 62 21.57 -9.21 39.14
CA ASP B 62 22.50 -8.04 39.22
C ASP B 62 22.07 -6.85 38.32
N SER B 63 21.61 -7.11 37.11
CA SER B 63 21.31 -6.09 36.08
C SER B 63 20.09 -5.19 36.39
N VAL B 64 19.37 -5.54 37.43
CA VAL B 64 18.16 -4.90 37.86
C VAL B 64 18.29 -4.34 39.26
N LYS B 65 19.38 -4.68 39.93
CA LYS B 65 19.58 -4.22 41.29
C LYS B 65 19.64 -2.71 41.36
N GLY B 66 18.96 -2.16 42.37
CA GLY B 66 18.78 -0.70 42.55
C GLY B 66 17.71 -0.08 41.66
N ARG B 67 17.31 -0.76 40.59
CA ARG B 67 16.30 -0.18 39.68
C ARG B 67 14.91 -0.75 39.91
N PHE B 68 14.86 -2.03 40.27
CA PHE B 68 13.63 -2.74 40.45
C PHE B 68 13.41 -3.02 41.91
N THR B 69 12.16 -3.00 42.35
CA THR B 69 11.85 -3.35 43.74
C THR B 69 10.73 -4.34 43.72
N VAL B 70 10.98 -5.52 44.28
CA VAL B 70 9.88 -6.47 44.47
C VAL B 70 9.22 -6.25 45.83
N SER B 71 7.88 -6.30 45.85
CA SER B 71 7.09 -6.09 47.05
C SER B 71 5.82 -6.92 46.98
N ARG B 72 5.11 -7.05 48.09
CA ARG B 72 3.89 -7.84 48.11
C ARG B 72 2.86 -7.31 49.13
N ASP B 73 1.59 -7.54 48.82
CA ASP B 73 0.48 -7.16 49.72
C ASP B 73 -0.17 -8.45 50.11
N ASN B 74 0.22 -8.94 51.29
CA ASN B 74 -0.31 -10.23 51.77
C ASN B 74 -1.76 -10.14 52.22
N ALA B 75 -2.29 -8.96 52.47
CA ALA B 75 -3.73 -8.89 52.83
C ALA B 75 -4.59 -9.12 51.60
N ASN B 76 -4.15 -8.62 50.44
CA ASN B 76 -4.96 -8.67 49.24
C ASN B 76 -4.42 -9.68 48.21
N ASN B 77 -3.36 -10.41 48.55
CA ASN B 77 -2.78 -11.47 47.69
C ASN B 77 -2.28 -10.94 46.33
N ILE B 78 -1.43 -9.93 46.37
CA ILE B 78 -0.82 -9.32 45.19
C ILE B 78 0.67 -9.22 45.34
N LEU B 79 1.37 -9.64 44.27
CA LEU B 79 2.80 -9.49 44.17
C LEU B 79 3.08 -8.34 43.21
N TYR B 80 4.08 -7.52 43.54
CA TYR B 80 4.45 -6.39 42.70
C TYR B 80 5.88 -6.41 42.22
N LEU B 81 6.10 -5.75 41.11
CA LEU B 81 7.48 -5.42 40.64
C LEU B 81 7.49 -3.96 40.14
N GLN B 82 8.04 -3.08 40.97
CA GLN B 82 8.26 -1.71 40.55
C GLN B 82 9.52 -1.66 39.70
N MET B 83 9.41 -1.10 38.51
CA MET B 83 10.57 -0.95 37.62
C MET B 83 10.85 0.54 37.35
N SER B 84 12.15 0.91 37.34
CA SER B 84 12.55 2.27 37.02
C SER B 84 13.86 2.28 36.21
N SER B 85 14.20 3.45 35.68
CA SER B 85 15.29 3.56 34.73
C SER B 85 15.26 2.44 33.71
N LEU B 86 14.09 2.24 33.11
CA LEU B 86 13.92 1.12 32.20
C LEU B 86 14.85 1.27 30.96
N ARG B 87 15.31 0.14 30.47
CA ARG B 87 16.24 0.06 29.32
C ARG B 87 15.72 -0.98 28.38
N SER B 88 16.30 -1.01 27.20
CA SER B 88 15.90 -1.92 26.13
C SER B 88 16.16 -3.38 26.52
N GLU B 89 17.20 -3.67 27.27
CA GLU B 89 17.44 -5.01 27.84
C GLU B 89 16.23 -5.51 28.67
N ASP B 90 15.40 -4.58 29.17
CA ASP B 90 14.26 -4.96 30.07
C ASP B 90 13.04 -5.35 29.32
N THR B 91 13.04 -5.17 28.00
CA THR B 91 11.96 -5.64 27.15
C THR B 91 11.88 -7.17 27.19
N ALA B 92 10.76 -7.72 27.65
CA ALA B 92 10.58 -9.13 27.87
C ALA B 92 9.14 -9.40 28.30
N LEU B 93 8.74 -10.66 28.27
CA LEU B 93 7.51 -11.10 28.93
C LEU B 93 7.84 -11.42 30.41
N TYR B 94 7.13 -10.80 31.33
CA TYR B 94 7.35 -10.96 32.81
C TYR B 94 6.36 -11.93 33.42
N TYR B 95 6.86 -13.06 33.96
CA TYR B 95 6.06 -13.98 34.66
C TYR B 95 6.16 -13.83 36.18
N CYS B 96 5.05 -13.94 36.88
CA CYS B 96 5.13 -14.16 38.34
C CYS B 96 4.98 -15.68 38.53
N ALA B 97 5.74 -16.20 39.48
CA ALA B 97 5.78 -17.59 39.84
C ALA B 97 5.77 -17.80 41.37
N ARG B 98 5.08 -18.84 41.77
CA ARG B 98 5.15 -19.39 43.12
C ARG B 98 6.41 -20.22 43.23
N ARG B 99 7.17 -19.93 44.27
CA ARG B 99 8.41 -20.62 44.54
C ARG B 99 8.31 -21.45 45.80
N ASP B 100 8.26 -22.77 45.66
CA ASP B 100 8.08 -23.65 46.82
C ASP B 100 9.43 -23.92 47.49
N TYR B 101 10.10 -22.86 47.89
CA TYR B 101 11.42 -22.97 48.48
C TYR B 101 12.33 -23.69 47.53
N TYR B 102 12.94 -24.79 47.94
CA TYR B 102 13.87 -25.46 47.03
C TYR B 102 13.22 -26.56 46.18
N ASP B 103 11.89 -26.57 46.12
CA ASP B 103 11.15 -27.52 45.34
C ASP B 103 10.58 -26.87 44.07
N GLY B 104 11.05 -25.67 43.72
CA GLY B 104 10.94 -25.15 42.34
C GLY B 104 9.90 -24.08 42.11
N PHE B 105 9.87 -23.59 40.84
CA PHE B 105 8.88 -22.62 40.46
C PHE B 105 7.67 -23.48 40.07
N THR B 106 6.77 -23.76 41.00
CA THR B 106 5.68 -24.73 40.78
C THR B 106 4.49 -24.26 39.93
N TYR B 107 4.19 -22.96 39.97
CA TYR B 107 3.03 -22.31 39.30
C TYR B 107 3.44 -20.97 38.69
N TRP B 108 2.94 -20.69 37.50
CA TRP B 108 3.40 -19.59 36.70
C TRP B 108 2.17 -18.97 36.16
N GLY B 109 2.16 -17.65 36.08
CA GLY B 109 1.13 -16.95 35.36
C GLY B 109 1.39 -16.99 33.86
N GLN B 110 0.46 -16.42 33.12
CA GLN B 110 0.64 -16.34 31.67
C GLN B 110 1.63 -15.29 31.22
N GLY B 111 2.01 -14.36 32.09
CA GLY B 111 2.99 -13.30 31.78
C GLY B 111 2.39 -12.00 31.27
N THR B 112 3.05 -10.87 31.49
CA THR B 112 2.61 -9.60 30.98
C THR B 112 3.78 -8.98 30.21
N LEU B 113 3.51 -8.47 29.02
CA LEU B 113 4.58 -8.00 28.13
C LEU B 113 5.02 -6.57 28.41
N VAL B 114 6.30 -6.35 28.58
CA VAL B 114 6.85 -5.01 28.73
C VAL B 114 7.77 -4.67 27.58
N THR B 115 7.54 -3.51 26.95
CA THR B 115 8.31 -3.04 25.83
C THR B 115 8.89 -1.69 26.19
N VAL B 116 10.22 -1.59 26.14
CA VAL B 116 10.93 -0.34 26.44
C VAL B 116 11.45 0.21 25.13
N SER B 117 10.81 1.29 24.70
CA SER B 117 11.11 1.88 23.40
C SER B 117 10.61 3.32 23.33
N ALA B 118 11.30 4.13 22.53
CA ALA B 118 10.89 5.49 22.20
C ALA B 118 9.79 5.56 21.13
N ALA B 119 9.52 4.42 20.48
CA ALA B 119 8.55 4.43 19.33
C ALA B 119 7.11 4.58 19.74
N LYS B 120 6.26 5.04 18.83
CA LYS B 120 4.88 5.30 19.21
C LYS B 120 3.94 4.11 18.98
N THR B 121 2.98 3.98 19.87
CA THR B 121 1.93 3.02 19.69
C THR B 121 1.29 3.24 18.31
N THR B 122 1.12 2.19 17.53
CA THR B 122 0.60 2.27 16.11
C THR B 122 -0.33 1.08 15.85
N PRO B 123 -1.57 1.33 15.48
CA PRO B 123 -2.40 0.16 15.26
C PRO B 123 -2.03 -0.50 13.94
N PRO B 124 -2.35 -1.78 13.79
CA PRO B 124 -1.99 -2.47 12.56
C PRO B 124 -2.83 -2.03 11.35
N SER B 125 -2.25 -2.13 10.15
CA SER B 125 -3.00 -2.20 8.92
C SER B 125 -3.26 -3.65 8.57
N VAL B 126 -4.50 -4.04 8.32
CA VAL B 126 -4.75 -5.45 8.06
C VAL B 126 -5.11 -5.69 6.60
N TYR B 127 -4.35 -6.54 5.90
CA TYR B 127 -4.56 -6.67 4.45
C TYR B 127 -4.95 -8.06 4.13
N PRO B 128 -5.91 -8.19 3.22
CA PRO B 128 -6.35 -9.52 2.86
C PRO B 128 -5.39 -10.19 1.90
N LEU B 129 -5.34 -11.53 1.95
CA LEU B 129 -4.49 -12.26 1.04
C LEU B 129 -5.37 -13.30 0.39
N ALA B 130 -5.77 -13.03 -0.85
CA ALA B 130 -6.66 -13.94 -1.55
C ALA B 130 -5.91 -14.35 -2.78
N PRO B 131 -6.23 -15.53 -3.30
CA PRO B 131 -5.54 -16.05 -4.47
C PRO B 131 -5.87 -15.35 -5.81
N GLY B 132 -4.99 -15.58 -6.78
CA GLY B 132 -5.18 -15.13 -8.15
C GLY B 132 -6.42 -15.74 -8.81
N SER B 133 -6.70 -15.26 -10.01
CA SER B 133 -7.89 -15.68 -10.75
C SER B 133 -7.60 -17.08 -11.26
N ALA B 134 -8.57 -17.98 -11.10
CA ALA B 134 -8.49 -19.36 -11.56
C ALA B 134 -7.50 -20.20 -10.74
N ALA B 135 -6.30 -19.67 -10.50
CA ALA B 135 -5.28 -20.34 -9.68
C ALA B 135 -5.63 -20.38 -8.18
N GLN B 136 -6.93 -20.40 -7.86
CA GLN B 136 -7.41 -20.51 -6.49
C GLN B 136 -7.34 -21.95 -5.95
N THR B 137 -6.34 -22.73 -6.39
CA THR B 137 -6.40 -24.21 -6.36
C THR B 137 -7.77 -24.64 -6.93
N ASN B 138 -8.77 -24.85 -6.07
CA ASN B 138 -10.11 -25.21 -6.52
C ASN B 138 -10.69 -26.43 -5.74
N SER B 139 -9.92 -27.01 -4.80
CA SER B 139 -10.57 -27.87 -3.77
C SER B 139 -10.16 -27.44 -2.34
N MET B 140 -8.93 -26.95 -2.20
CA MET B 140 -8.46 -26.43 -0.94
C MET B 140 -7.79 -25.11 -1.18
N VAL B 141 -8.41 -24.07 -0.70
CA VAL B 141 -7.93 -22.76 -0.98
C VAL B 141 -7.19 -22.27 0.30
N THR B 142 -6.02 -21.72 0.06
CA THR B 142 -5.30 -21.03 1.14
C THR B 142 -5.50 -19.52 1.04
N LEU B 143 -5.93 -18.96 2.14
CA LEU B 143 -6.12 -17.56 2.31
C LEU B 143 -5.21 -17.02 3.44
N GLY B 144 -5.13 -15.71 3.54
CA GLY B 144 -4.37 -15.16 4.63
C GLY B 144 -4.73 -13.77 4.99
N CYS B 145 -4.11 -13.29 6.06
CA CYS B 145 -4.22 -11.90 6.49
C CYS B 145 -2.86 -11.40 6.85
N LEU B 146 -2.46 -10.27 6.25
CA LEU B 146 -1.19 -9.62 6.51
C LEU B 146 -1.39 -8.51 7.53
N VAL B 147 -0.70 -8.58 8.66
CA VAL B 147 -0.97 -7.66 9.77
C VAL B 147 0.28 -6.84 9.89
N LYS B 148 0.24 -5.64 9.33
CA LYS B 148 1.43 -4.88 9.05
C LYS B 148 1.48 -3.57 9.81
N GLY B 149 2.67 -3.22 10.26
CA GLY B 149 2.95 -1.91 10.77
C GLY B 149 2.37 -1.48 12.13
N TYR B 150 2.44 -2.35 13.12
CA TYR B 150 1.83 -2.10 14.44
C TYR B 150 2.90 -2.08 15.49
N PHE B 151 2.62 -1.43 16.63
CA PHE B 151 3.58 -1.38 17.71
C PHE B 151 2.80 -0.98 18.94
N PRO B 152 3.13 -1.57 20.09
CA PRO B 152 3.97 -2.71 20.38
C PRO B 152 3.22 -4.01 20.13
N GLU B 153 3.92 -5.11 20.41
CA GLU B 153 3.29 -6.39 20.54
C GLU B 153 2.42 -6.36 21.79
N PRO B 154 1.44 -7.28 21.89
CA PRO B 154 1.05 -8.27 20.89
C PRO B 154 -0.21 -7.91 20.05
N VAL B 155 -0.51 -8.79 19.08
CA VAL B 155 -1.78 -8.85 18.42
C VAL B 155 -2.37 -10.24 18.61
N THR B 156 -3.69 -10.35 18.50
CA THR B 156 -4.39 -11.65 18.53
C THR B 156 -5.04 -11.74 17.20
N VAL B 157 -4.85 -12.84 16.50
CA VAL B 157 -5.51 -13.14 15.27
C VAL B 157 -6.34 -14.40 15.41
N THR B 158 -7.58 -14.31 14.98
CA THR B 158 -8.48 -15.44 14.92
C THR B 158 -9.10 -15.42 13.56
N TRP B 159 -9.78 -16.49 13.18
CA TRP B 159 -10.52 -16.51 11.97
C TRP B 159 -11.98 -16.87 12.31
N ASN B 160 -12.92 -16.22 11.67
CA ASN B 160 -14.32 -16.40 12.00
C ASN B 160 -14.57 -16.47 13.50
N SER B 161 -14.07 -15.46 14.20
CA SER B 161 -14.19 -15.34 15.66
C SER B 161 -13.77 -16.59 16.41
N GLY B 162 -12.73 -17.28 15.94
CA GLY B 162 -12.24 -18.48 16.65
C GLY B 162 -12.86 -19.80 16.20
N SER B 163 -14.01 -19.67 15.54
CA SER B 163 -14.77 -20.78 14.97
C SER B 163 -13.97 -21.60 13.96
N LEU B 164 -13.07 -20.91 13.27
CA LEU B 164 -12.21 -21.50 12.29
C LEU B 164 -10.78 -21.58 12.89
N SER B 165 -10.39 -22.80 13.17
CA SER B 165 -9.29 -23.13 14.09
C SER B 165 -8.32 -24.07 13.37
N SER B 166 -8.91 -25.08 12.77
CA SER B 166 -8.21 -26.04 11.96
C SER B 166 -7.61 -25.44 10.64
N GLY B 167 -6.38 -25.82 10.36
CA GLY B 167 -5.69 -25.39 9.16
C GLY B 167 -5.17 -23.97 9.23
N VAL B 168 -5.04 -23.44 10.45
CA VAL B 168 -4.59 -22.07 10.71
C VAL B 168 -3.14 -22.04 11.18
N HIS B 169 -2.33 -21.20 10.53
CA HIS B 169 -0.97 -20.93 11.03
C HIS B 169 -0.80 -19.43 11.20
N THR B 170 -0.56 -18.96 12.41
CA THR B 170 -0.20 -17.56 12.64
C THR B 170 1.28 -17.42 12.99
N PHE B 171 2.02 -16.72 12.14
CA PHE B 171 3.47 -16.65 12.15
C PHE B 171 3.93 -15.59 13.16
N PRO B 172 5.07 -15.84 13.90
CA PRO B 172 5.60 -14.84 14.81
C PRO B 172 5.82 -13.50 14.15
N ALA B 173 5.58 -12.39 14.88
CA ALA B 173 5.91 -11.09 14.34
C ALA B 173 7.40 -10.85 14.23
N VAL B 174 7.78 -10.15 13.19
CA VAL B 174 9.13 -9.65 13.07
C VAL B 174 9.11 -8.15 13.25
N LEU B 175 10.09 -7.63 14.01
CA LEU B 175 10.26 -6.20 14.25
C LEU B 175 11.18 -5.63 13.21
N GLN B 176 10.75 -4.63 12.47
CA GLN B 176 11.71 -3.83 11.73
C GLN B 176 11.35 -2.34 11.69
N SER B 177 12.36 -1.48 11.86
CA SER B 177 12.09 -0.03 11.90
C SER B 177 10.92 0.37 12.86
N ASP B 178 10.94 -0.19 14.06
CA ASP B 178 9.99 0.17 15.08
C ASP B 178 8.54 -0.20 14.72
N LEU B 179 8.36 -1.17 13.82
CA LEU B 179 7.02 -1.70 13.55
C LEU B 179 7.10 -3.19 13.35
N TYR B 180 6.10 -3.90 13.84
CA TYR B 180 5.99 -5.33 13.78
C TYR B 180 5.13 -5.69 12.58
N THR B 181 5.34 -6.87 11.97
CA THR B 181 4.42 -7.38 10.93
C THR B 181 4.30 -8.86 11.15
N LEU B 182 3.13 -9.39 10.83
CA LEU B 182 2.94 -10.84 10.89
C LEU B 182 1.89 -11.21 9.85
N SER B 183 1.84 -12.44 9.47
CA SER B 183 0.75 -12.93 8.67
C SER B 183 0.15 -14.14 9.36
N SER B 184 -1.07 -14.46 8.95
CA SER B 184 -1.75 -15.70 9.32
C SER B 184 -2.33 -16.34 8.07
N SER B 185 -2.19 -17.65 7.93
CA SER B 185 -2.75 -18.39 6.79
C SER B 185 -3.80 -19.33 7.28
N VAL B 186 -4.79 -19.59 6.43
CA VAL B 186 -5.80 -20.60 6.74
C VAL B 186 -6.19 -21.28 5.43
N THR B 187 -6.34 -22.59 5.45
CA THR B 187 -6.68 -23.35 4.33
C THR B 187 -8.08 -23.91 4.58
N VAL B 188 -8.96 -23.77 3.60
CA VAL B 188 -10.35 -24.16 3.81
C VAL B 188 -10.83 -24.88 2.55
N PRO B 189 -11.92 -25.66 2.66
CA PRO B 189 -12.42 -26.31 1.43
C PRO B 189 -13.05 -25.30 0.52
N SER B 190 -12.93 -25.56 -0.78
CA SER B 190 -13.60 -24.77 -1.83
C SER B 190 -15.09 -24.53 -1.68
N SER B 191 -15.77 -25.47 -1.02
CA SER B 191 -17.22 -25.36 -0.83
C SER B 191 -17.57 -24.27 0.16
N THR B 192 -16.58 -23.88 0.96
CA THR B 192 -16.78 -22.95 2.03
C THR B 192 -16.30 -21.55 1.70
N TRP B 193 -15.46 -21.33 0.67
CA TRP B 193 -15.08 -19.98 0.33
C TRP B 193 -14.94 -19.91 -1.17
N PRO B 194 -15.39 -18.80 -1.79
CA PRO B 194 -15.93 -17.55 -1.20
C PRO B 194 -17.47 -17.50 -0.97
N SER B 195 -18.14 -18.65 -0.99
CA SER B 195 -19.61 -18.68 -0.95
C SER B 195 -20.09 -18.59 0.49
N GLU B 196 -19.16 -18.80 1.40
CA GLU B 196 -19.36 -18.52 2.82
C GLU B 196 -18.19 -17.64 3.28
N THR B 197 -18.44 -16.74 4.20
CA THR B 197 -17.44 -15.74 4.46
C THR B 197 -16.32 -16.29 5.37
N VAL B 198 -15.12 -15.79 5.11
CA VAL B 198 -13.96 -16.06 5.95
C VAL B 198 -13.37 -14.69 6.29
N THR B 199 -13.21 -14.45 7.57
CA THR B 199 -12.79 -13.12 8.09
C THR B 199 -11.67 -13.35 9.08
N CYS B 200 -10.62 -12.52 9.03
CA CYS B 200 -9.62 -12.60 10.05
C CYS B 200 -9.92 -11.50 11.03
N ASN B 201 -9.88 -11.83 12.30
CA ASN B 201 -10.13 -10.85 13.35
C ASN B 201 -8.84 -10.56 14.02
N VAL B 202 -8.48 -9.29 14.06
CA VAL B 202 -7.19 -8.86 14.58
C VAL B 202 -7.35 -7.83 15.69
N ALA B 203 -6.85 -8.21 16.85
CA ALA B 203 -6.97 -7.41 18.03
C ALA B 203 -5.59 -6.93 18.40
N HIS B 204 -5.49 -5.61 18.65
CA HIS B 204 -4.24 -4.97 19.10
C HIS B 204 -4.58 -4.18 20.32
N PRO B 205 -4.51 -4.84 21.48
CA PRO B 205 -4.89 -4.17 22.73
C PRO B 205 -4.16 -2.88 23.03
N ALA B 206 -2.92 -2.69 22.60
CA ALA B 206 -2.23 -1.45 22.93
C ALA B 206 -2.90 -0.18 22.32
N SER B 207 -3.50 -0.30 21.14
CA SER B 207 -4.16 0.81 20.50
C SER B 207 -5.66 0.69 20.63
N SER B 208 -6.11 -0.31 21.40
CA SER B 208 -7.51 -0.66 21.63
C SER B 208 -8.27 -0.82 20.35
N THR B 209 -7.62 -1.39 19.34
CA THR B 209 -8.25 -1.64 18.03
C THR B 209 -8.63 -3.13 17.88
N LYS B 210 -9.62 -3.37 17.06
CA LYS B 210 -10.15 -4.74 16.83
C LYS B 210 -10.78 -4.58 15.46
N VAL B 211 -10.23 -5.30 14.50
CA VAL B 211 -10.49 -5.09 13.07
C VAL B 211 -10.88 -6.44 12.50
N ASP B 212 -11.95 -6.53 11.72
CA ASP B 212 -12.36 -7.82 11.15
C ASP B 212 -12.27 -7.76 9.62
N LYS B 213 -11.18 -8.23 9.00
CA LYS B 213 -11.01 -8.16 7.54
C LYS B 213 -11.60 -9.38 6.76
N LYS B 214 -12.69 -9.18 6.05
CA LYS B 214 -13.24 -10.22 5.21
C LYS B 214 -12.35 -10.47 3.98
N ILE B 215 -12.06 -11.74 3.69
CA ILE B 215 -11.27 -12.07 2.53
C ILE B 215 -12.24 -12.31 1.39
N VAL B 216 -12.15 -11.54 0.31
CA VAL B 216 -13.10 -11.70 -0.81
C VAL B 216 -12.32 -11.95 -2.09
N PRO B 217 -12.98 -12.51 -3.12
CA PRO B 217 -12.24 -12.81 -4.36
C PRO B 217 -11.65 -11.56 -4.96
N ARG B 218 -10.54 -11.70 -5.67
CA ARG B 218 -9.94 -10.58 -6.40
C ARG B 218 -10.85 -10.14 -7.55
N ASP B 219 -10.96 -8.82 -7.73
CA ASP B 219 -11.78 -8.26 -8.79
C ASP B 219 -11.14 -8.52 -10.17
N CYS B 220 -11.55 -9.62 -10.81
CA CYS B 220 -10.88 -10.13 -12.02
C CYS B 220 -11.85 -10.90 -12.94
N ASP C 1 18.60 18.53 -28.71
CA ASP C 1 19.04 18.80 -27.30
C ASP C 1 18.84 20.27 -26.87
N LEU C 2 17.95 21.00 -27.54
CA LEU C 2 17.86 22.44 -27.30
C LEU C 2 16.71 22.81 -26.35
N LEU C 3 17.10 23.49 -25.29
CA LEU C 3 16.30 23.67 -24.12
C LEU C 3 15.53 24.96 -24.27
N MET C 4 14.22 24.94 -24.02
CA MET C 4 13.38 26.14 -24.09
C MET C 4 12.56 26.43 -22.83
N ALA C 5 12.98 27.47 -22.13
CA ALA C 5 12.49 27.74 -20.79
C ALA C 5 11.55 28.94 -20.84
N GLN C 6 10.37 28.78 -20.29
CA GLN C 6 9.39 29.85 -20.29
C GLN C 6 9.18 30.42 -18.89
N THR C 7 8.84 31.71 -18.85
CA THR C 7 8.54 32.41 -17.63
C THR C 7 7.35 33.39 -17.82
N PRO C 8 6.42 33.44 -16.87
CA PRO C 8 6.32 32.64 -15.70
C PRO C 8 5.60 31.27 -16.04
N LEU C 9 5.30 30.45 -15.03
CA LEU C 9 4.65 29.16 -15.25
C LEU C 9 3.16 29.40 -15.54
N SER C 10 2.64 30.44 -14.92
CA SER C 10 1.24 30.71 -14.83
C SER C 10 1.12 32.20 -14.65
N LEU C 11 0.12 32.79 -15.24
CA LEU C 11 -0.01 34.21 -15.39
C LEU C 11 -1.48 34.56 -15.25
N PRO C 12 -1.86 35.05 -14.08
CA PRO C 12 -3.18 35.63 -13.99
C PRO C 12 -3.25 37.04 -14.58
N VAL C 13 -4.27 37.27 -15.38
CA VAL C 13 -4.45 38.53 -16.02
C VAL C 13 -5.92 38.84 -16.12
N SER C 14 -6.30 40.09 -15.85
CA SER C 14 -7.72 40.46 -15.98
C SER C 14 -8.15 40.75 -17.40
N LEU C 15 -9.42 40.59 -17.70
CA LEU C 15 -9.90 40.82 -19.04
C LEU C 15 -9.67 42.31 -19.39
N GLY C 16 -9.33 42.56 -20.65
CA GLY C 16 -8.96 43.89 -21.14
C GLY C 16 -7.54 44.29 -20.75
N ASP C 17 -6.83 43.51 -19.93
CA ASP C 17 -5.47 43.83 -19.59
C ASP C 17 -4.45 43.15 -20.51
N GLN C 18 -3.18 43.20 -20.12
CA GLN C 18 -2.05 42.67 -20.91
C GLN C 18 -1.32 41.53 -20.24
N ALA C 19 -0.87 40.56 -21.02
CA ALA C 19 0.02 39.50 -20.56
C ALA C 19 1.37 39.54 -21.30
N SER C 20 2.43 39.19 -20.62
CA SER C 20 3.72 39.09 -21.24
C SER C 20 4.37 37.74 -20.87
N ILE C 21 4.85 36.99 -21.87
CA ILE C 21 5.34 35.62 -21.64
C ILE C 21 6.71 35.58 -22.23
N SER C 22 7.66 35.01 -21.51
CA SER C 22 9.03 34.93 -22.05
C SER C 22 9.44 33.53 -22.39
N CYS C 23 10.28 33.42 -23.43
CA CYS C 23 10.88 32.17 -23.89
C CYS C 23 12.35 32.40 -24.11
N ARG C 24 13.17 31.61 -23.42
CA ARG C 24 14.63 31.66 -23.58
C ARG C 24 15.21 30.33 -24.03
N SER C 25 16.03 30.37 -25.07
CA SER C 25 16.69 29.16 -25.56
C SER C 25 18.14 29.05 -25.13
N SER C 26 18.63 27.81 -25.04
CA SER C 26 19.97 27.53 -24.54
C SER C 26 21.05 27.88 -25.54
N GLN C 27 20.67 27.95 -26.80
CA GLN C 27 21.53 28.41 -27.87
C GLN C 27 20.75 29.39 -28.75
N SER C 28 21.47 30.17 -29.56
CA SER C 28 20.84 31.14 -30.44
C SER C 28 20.06 30.38 -31.50
N LEU C 29 18.95 31.00 -31.95
CA LEU C 29 18.01 30.46 -32.95
C LEU C 29 18.12 31.19 -34.27
N VAL C 30 18.96 32.22 -34.33
CA VAL C 30 19.23 32.88 -35.60
C VAL C 30 19.69 31.74 -36.57
N HIS C 31 19.08 31.59 -37.74
CA HIS C 31 19.46 30.50 -38.72
C HIS C 31 20.17 31.14 -39.94
N SER C 32 21.11 30.40 -40.54
CA SER C 32 21.82 30.92 -41.72
C SER C 32 20.85 31.41 -42.82
N SER C 33 19.82 30.59 -43.07
CA SER C 33 18.84 30.82 -44.12
C SER C 33 18.09 32.16 -44.17
N GLY C 34 18.27 33.04 -43.18
CA GLY C 34 17.64 34.38 -43.27
C GLY C 34 16.66 34.75 -42.17
N ASN C 35 16.44 33.80 -41.26
CA ASN C 35 15.41 33.94 -40.31
C ASN C 35 15.78 33.21 -39.04
N THR C 36 14.92 33.43 -38.08
CA THR C 36 15.03 32.78 -36.78
C THR C 36 13.68 32.13 -36.64
N TYR C 37 13.66 30.80 -36.52
CA TYR C 37 12.42 30.04 -36.70
C TYR C 37 11.84 29.76 -35.33
N LEU C 38 11.34 30.82 -34.68
CA LEU C 38 10.76 30.71 -33.37
C LEU C 38 9.26 31.00 -33.53
N GLU C 39 8.42 30.10 -32.99
CA GLU C 39 6.98 30.12 -33.17
C GLU C 39 6.30 30.11 -31.79
N TRP C 40 5.05 30.58 -31.72
CA TRP C 40 4.22 30.53 -30.54
C TRP C 40 2.90 29.86 -30.91
N TYR C 41 2.47 28.93 -30.04
CA TYR C 41 1.20 28.21 -30.10
C TYR C 41 0.42 28.44 -28.81
N LEU C 42 -0.90 28.42 -28.93
CA LEU C 42 -1.79 28.39 -27.80
C LEU C 42 -2.56 27.10 -27.85
N GLN C 43 -2.55 26.38 -26.75
CA GLN C 43 -3.41 25.24 -26.58
C GLN C 43 -4.53 25.56 -25.63
N LYS C 44 -5.73 25.76 -26.16
CA LYS C 44 -6.92 25.94 -25.33
C LYS C 44 -7.38 24.63 -24.68
N PRO C 45 -8.10 24.71 -23.55
CA PRO C 45 -8.49 23.48 -22.85
C PRO C 45 -9.23 22.49 -23.72
N GLY C 46 -8.70 21.27 -23.75
CA GLY C 46 -9.32 20.22 -24.51
C GLY C 46 -9.02 20.23 -26.00
N GLN C 47 -8.27 21.23 -26.50
CA GLN C 47 -8.03 21.40 -27.93
C GLN C 47 -6.57 21.10 -28.28
N SER C 48 -6.30 20.90 -29.57
CA SER C 48 -4.95 20.84 -30.04
C SER C 48 -4.30 22.20 -29.92
N PRO C 49 -2.99 22.25 -29.92
CA PRO C 49 -2.34 23.54 -30.13
C PRO C 49 -2.77 24.28 -31.43
N LYS C 50 -2.76 25.63 -31.39
CA LYS C 50 -3.00 26.50 -32.55
C LYS C 50 -1.89 27.47 -32.81
N LEU C 51 -1.55 27.70 -34.08
CA LEU C 51 -0.48 28.59 -34.34
C LEU C 51 -0.90 30.05 -34.07
N LEU C 52 -0.04 30.80 -33.39
CA LEU C 52 -0.18 32.22 -33.31
C LEU C 52 0.87 32.97 -34.14
N ILE C 53 2.14 32.65 -33.95
CA ILE C 53 3.18 33.46 -34.52
C ILE C 53 4.29 32.58 -35.10
N TYR C 54 4.87 33.02 -36.23
CA TYR C 54 6.04 32.40 -36.76
C TYR C 54 7.12 33.37 -37.15
N LYS C 55 8.33 32.86 -37.27
CA LYS C 55 9.49 33.73 -37.59
C LYS C 55 9.60 34.91 -36.60
N ILE C 56 9.50 34.58 -35.30
CA ILE C 56 9.57 35.56 -34.13
C ILE C 56 8.33 36.43 -33.95
N SER C 57 7.86 37.06 -35.03
CA SER C 57 6.87 38.13 -34.98
C SER C 57 5.80 38.11 -36.07
N ASN C 58 5.85 37.14 -36.98
CA ASN C 58 4.83 37.07 -38.01
C ASN C 58 3.57 36.40 -37.53
N ARG C 59 2.44 37.07 -37.75
CA ARG C 59 1.18 36.49 -37.27
C ARG C 59 0.54 35.56 -38.32
N PHE C 60 0.04 34.42 -37.86
CA PHE C 60 -0.77 33.54 -38.68
C PHE C 60 -2.14 34.17 -39.03
N SER C 61 -2.69 33.73 -40.16
CA SER C 61 -4.01 34.18 -40.60
C SER C 61 -5.03 34.20 -39.48
N GLY C 62 -5.79 35.27 -39.36
CA GLY C 62 -6.86 35.41 -38.36
C GLY C 62 -6.37 35.77 -36.96
N VAL C 63 -5.06 35.89 -36.76
CA VAL C 63 -4.53 36.19 -35.45
C VAL C 63 -4.36 37.73 -35.39
N PRO C 64 -4.98 38.45 -34.43
CA PRO C 64 -4.88 39.94 -34.42
C PRO C 64 -3.62 40.48 -33.84
N ASP C 65 -3.33 41.76 -34.09
CA ASP C 65 -2.01 42.30 -33.76
C ASP C 65 -1.92 42.60 -32.27
N ARG C 66 -2.96 42.28 -31.51
CA ARG C 66 -2.83 42.35 -30.03
C ARG C 66 -1.91 41.23 -29.55
N PHE C 67 -1.77 40.18 -30.35
CA PHE C 67 -0.65 39.23 -30.11
C PHE C 67 0.56 39.73 -30.79
N SER C 68 1.61 39.92 -30.02
CA SER C 68 2.79 40.47 -30.55
C SER C 68 4.02 39.71 -30.10
N GLY C 69 4.83 39.24 -31.06
CA GLY C 69 6.01 38.49 -30.79
C GLY C 69 7.22 39.32 -31.07
N SER C 70 8.23 39.22 -30.20
CA SER C 70 9.47 39.95 -30.35
C SER C 70 10.64 39.12 -29.87
N GLY C 71 11.82 39.66 -30.14
CA GLY C 71 13.06 39.13 -29.56
C GLY C 71 14.05 38.77 -30.64
N SER C 72 15.17 38.20 -30.21
CA SER C 72 16.22 37.77 -31.11
C SER C 72 17.31 37.01 -30.34
N GLY C 73 18.17 36.33 -31.07
CA GLY C 73 19.20 35.52 -30.49
C GLY C 73 18.60 34.37 -29.67
N THR C 74 18.67 34.53 -28.34
CA THR C 74 18.19 33.53 -27.37
C THR C 74 16.98 33.96 -26.55
N ASP C 75 16.49 35.16 -26.75
CA ASP C 75 15.42 35.67 -25.84
C ASP C 75 14.22 36.25 -26.59
N PHE C 76 13.05 35.69 -26.29
CA PHE C 76 11.84 36.04 -27.02
C PHE C 76 10.68 36.28 -26.13
N THR C 77 9.73 37.09 -26.61
CA THR C 77 8.58 37.48 -25.82
C THR C 77 7.34 37.49 -26.66
N LEU C 78 6.27 36.99 -26.08
CA LEU C 78 4.97 37.12 -26.61
C LEU C 78 4.15 38.02 -25.66
N LYS C 79 3.65 39.14 -26.20
CA LYS C 79 2.72 40.03 -25.51
C LYS C 79 1.33 39.92 -26.06
N ILE C 80 0.41 39.82 -25.15
CA ILE C 80 -0.97 39.79 -25.48
C ILE C 80 -1.68 40.94 -24.80
N SER C 81 -2.18 41.85 -25.61
CA SER C 81 -2.93 42.99 -25.13
C SER C 81 -4.40 42.70 -25.17
N ARG C 82 -5.17 43.47 -24.41
CA ARG C 82 -6.62 43.42 -24.38
C ARG C 82 -7.12 41.97 -24.33
N VAL C 83 -6.62 41.28 -23.33
CA VAL C 83 -6.93 39.89 -23.18
C VAL C 83 -8.45 39.70 -23.26
N GLU C 84 -8.84 38.63 -23.93
CA GLU C 84 -10.21 38.13 -23.97
C GLU C 84 -10.22 36.78 -23.29
N ALA C 85 -11.37 36.39 -22.76
CA ALA C 85 -11.46 35.15 -21.94
C ALA C 85 -11.10 33.89 -22.76
N GLU C 86 -11.36 33.97 -24.07
CA GLU C 86 -10.97 32.94 -25.03
C GLU C 86 -9.43 32.80 -25.22
N ASP C 87 -8.65 33.72 -24.67
CA ASP C 87 -7.19 33.60 -24.66
C ASP C 87 -6.69 32.63 -23.59
N LEU C 88 -7.56 32.18 -22.68
CA LEU C 88 -7.03 31.35 -21.61
C LEU C 88 -6.55 29.97 -22.19
N GLY C 89 -5.51 29.43 -21.58
CA GLY C 89 -4.90 28.16 -21.97
C GLY C 89 -3.41 28.18 -21.80
N VAL C 90 -2.71 27.25 -22.45
CA VAL C 90 -1.29 27.14 -22.31
C VAL C 90 -0.58 27.60 -23.59
N TYR C 91 0.35 28.52 -23.38
CA TYR C 91 1.10 29.13 -24.49
C TYR C 91 2.46 28.46 -24.51
N TYR C 92 2.89 28.07 -25.69
CA TYR C 92 4.13 27.37 -25.93
C TYR C 92 4.98 28.04 -26.97
N CYS C 93 6.28 28.20 -26.69
CA CYS C 93 7.21 28.51 -27.73
C CYS C 93 7.76 27.26 -28.33
N PHE C 94 8.27 27.42 -29.55
CA PHE C 94 8.73 26.30 -30.40
C PHE C 94 9.82 26.81 -31.31
N GLN C 95 10.85 26.02 -31.53
CA GLN C 95 11.96 26.43 -32.38
C GLN C 95 12.32 25.36 -33.37
N THR C 96 12.47 25.73 -34.66
CA THR C 96 12.95 24.76 -35.66
C THR C 96 14.22 25.26 -36.36
N SER C 97 14.96 26.15 -35.70
CA SER C 97 16.30 26.57 -36.15
C SER C 97 17.38 25.49 -35.97
N HIS C 98 17.17 24.63 -34.96
CA HIS C 98 18.10 23.58 -34.54
C HIS C 98 17.38 22.23 -34.61
N VAL C 99 17.92 21.33 -35.41
CA VAL C 99 17.44 19.96 -35.41
C VAL C 99 18.12 19.32 -34.23
N PRO C 100 17.33 18.72 -33.31
CA PRO C 100 15.86 18.49 -33.40
C PRO C 100 15.02 19.67 -32.94
N PRO C 101 13.89 19.90 -33.62
CA PRO C 101 12.95 20.87 -33.08
C PRO C 101 12.45 20.58 -31.67
N THR C 102 12.34 21.63 -30.84
CA THR C 102 11.84 21.52 -29.47
C THR C 102 10.83 22.56 -29.13
N PHE C 103 9.90 22.19 -28.26
CA PHE C 103 8.96 23.07 -27.68
C PHE C 103 9.50 23.53 -26.32
N GLY C 104 9.05 24.68 -25.88
CA GLY C 104 9.14 25.05 -24.46
C GLY C 104 8.15 24.33 -23.57
N GLY C 105 8.30 24.47 -22.26
CA GLY C 105 7.39 23.77 -21.30
C GLY C 105 6.01 24.34 -21.05
N GLY C 106 5.74 25.51 -21.60
CA GLY C 106 4.38 26.07 -21.54
C GLY C 106 4.16 27.09 -20.43
N THR C 107 3.30 28.06 -20.66
CA THR C 107 2.88 29.02 -19.68
C THR C 107 1.36 29.06 -19.69
N LYS C 108 0.69 28.88 -18.55
CA LYS C 108 -0.75 29.00 -18.48
C LYS C 108 -1.12 30.43 -18.31
N LEU C 109 -2.01 30.92 -19.16
CA LEU C 109 -2.68 32.14 -18.99
C LEU C 109 -3.99 31.83 -18.27
N GLU C 110 -4.15 32.47 -17.12
CA GLU C 110 -5.37 32.38 -16.31
C GLU C 110 -6.11 33.70 -16.28
N ILE C 111 -7.44 33.67 -16.44
CA ILE C 111 -8.26 34.84 -16.40
C ILE C 111 -8.51 35.13 -14.94
N LYS C 112 -8.15 36.34 -14.48
CA LYS C 112 -8.39 36.74 -13.11
C LYS C 112 -9.86 37.14 -12.98
N ARG C 113 -10.48 36.65 -11.93
CA ARG C 113 -11.80 37.05 -11.58
C ARG C 113 -11.83 37.19 -10.07
N ALA C 114 -13.01 37.58 -9.58
CA ALA C 114 -13.28 37.79 -8.16
C ALA C 114 -13.09 36.51 -7.42
N ASP C 115 -12.47 36.55 -6.25
CA ASP C 115 -12.45 35.37 -5.40
C ASP C 115 -13.82 34.74 -5.28
N ALA C 116 -13.84 33.39 -5.18
CA ALA C 116 -15.09 32.63 -5.12
C ALA C 116 -14.92 31.31 -4.38
N ALA C 117 -15.72 31.09 -3.33
CA ALA C 117 -15.52 29.96 -2.48
C ALA C 117 -16.13 28.75 -3.14
N PRO C 118 -15.55 27.57 -2.88
CA PRO C 118 -16.08 26.44 -3.63
C PRO C 118 -17.44 26.07 -3.13
N THR C 119 -18.21 25.43 -3.99
CA THR C 119 -19.42 24.71 -3.55
C THR C 119 -19.08 23.21 -3.34
N VAL C 120 -19.17 22.72 -2.08
CA VAL C 120 -18.68 21.38 -1.73
C VAL C 120 -19.82 20.38 -1.62
N SER C 121 -19.67 19.21 -2.24
CA SER C 121 -20.70 18.14 -2.21
C SER C 121 -20.01 16.86 -1.85
N ILE C 122 -20.61 16.11 -0.94
CA ILE C 122 -20.05 14.82 -0.53
C ILE C 122 -21.01 13.72 -0.88
N PHE C 123 -20.47 12.60 -1.35
CA PHE C 123 -21.24 11.46 -1.77
C PHE C 123 -20.72 10.20 -1.12
N PRO C 124 -21.61 9.46 -0.43
CA PRO C 124 -21.28 8.11 0.05
C PRO C 124 -21.12 7.15 -1.12
N PRO C 125 -20.46 5.98 -0.88
CA PRO C 125 -20.51 4.89 -1.82
C PRO C 125 -21.95 4.61 -2.15
N SER C 126 -22.18 4.41 -3.44
CA SER C 126 -23.49 4.00 -3.91
C SER C 126 -23.80 2.58 -3.39
N SER C 127 -25.08 2.27 -3.23
CA SER C 127 -25.46 0.88 -2.98
C SER C 127 -24.92 0.02 -4.09
N GLU C 128 -24.90 0.51 -5.33
CA GLU C 128 -24.46 -0.35 -6.41
C GLU C 128 -23.01 -0.69 -6.28
N GLN C 129 -22.17 0.26 -5.87
CA GLN C 129 -20.75 -0.07 -5.64
C GLN C 129 -20.57 -1.03 -4.48
N LEU C 130 -21.27 -0.76 -3.39
CA LEU C 130 -21.20 -1.58 -2.19
C LEU C 130 -21.64 -3.01 -2.53
N THR C 131 -22.77 -3.15 -3.25
CA THR C 131 -23.24 -4.45 -3.72
C THR C 131 -22.11 -5.26 -4.36
N SER C 132 -21.10 -4.61 -4.94
CA SER C 132 -19.90 -5.32 -5.47
C SER C 132 -18.61 -5.36 -4.58
N GLY C 133 -18.67 -4.94 -3.33
CA GLY C 133 -17.49 -5.08 -2.46
C GLY C 133 -16.43 -4.00 -2.50
N GLY C 134 -16.79 -2.83 -3.00
CA GLY C 134 -15.88 -1.71 -3.03
C GLY C 134 -16.57 -0.51 -2.42
N ALA C 135 -15.81 0.54 -2.17
CA ALA C 135 -16.43 1.75 -1.61
C ALA C 135 -15.59 2.96 -1.81
N SER C 136 -16.08 3.85 -2.63
CA SER C 136 -15.41 5.14 -2.85
C SER C 136 -16.28 6.23 -2.31
N VAL C 137 -15.65 7.19 -1.65
CA VAL C 137 -16.34 8.33 -1.14
C VAL C 137 -15.85 9.53 -1.98
N VAL C 138 -16.76 10.34 -2.48
CA VAL C 138 -16.37 11.38 -3.41
C VAL C 138 -16.79 12.72 -2.92
N CYS C 139 -15.92 13.68 -3.17
CA CYS C 139 -16.19 15.03 -2.81
C CYS C 139 -15.93 15.95 -4.01
N PHE C 140 -16.93 16.74 -4.40
CA PHE C 140 -16.74 17.75 -5.45
C PHE C 140 -16.55 19.14 -4.84
N LEU C 141 -15.58 19.87 -5.37
CA LEU C 141 -15.29 21.23 -4.97
C LEU C 141 -15.37 22.06 -6.21
N ASN C 142 -16.55 22.60 -6.43
CA ASN C 142 -16.92 23.21 -7.68
C ASN C 142 -16.99 24.77 -7.70
N ASN C 143 -16.56 25.32 -8.83
CA ASN C 143 -16.72 26.70 -9.18
C ASN C 143 -16.05 27.68 -8.19
N PHE C 144 -14.74 27.56 -8.04
CA PHE C 144 -13.99 28.37 -7.13
C PHE C 144 -12.85 29.10 -7.83
N TYR C 145 -12.44 30.21 -7.26
CA TYR C 145 -11.27 30.97 -7.70
C TYR C 145 -10.70 31.71 -6.50
N PRO C 146 -9.37 31.79 -6.37
CA PRO C 146 -8.32 31.31 -7.22
C PRO C 146 -8.11 29.84 -7.08
N LYS C 147 -7.13 29.37 -7.82
CA LYS C 147 -6.87 27.96 -7.95
C LYS C 147 -6.50 27.25 -6.63
N ASP C 148 -5.93 28.01 -5.70
CA ASP C 148 -5.31 27.46 -4.50
C ASP C 148 -6.31 26.87 -3.48
N ILE C 149 -6.21 25.57 -3.22
CA ILE C 149 -7.11 24.93 -2.31
C ILE C 149 -6.47 23.68 -1.69
N ASN C 150 -6.82 23.38 -0.44
CA ASN C 150 -6.41 22.09 0.15
C ASN C 150 -7.61 21.36 0.73
N VAL C 151 -7.61 20.03 0.58
CA VAL C 151 -8.73 19.17 0.97
C VAL C 151 -8.20 18.12 1.90
N LYS C 152 -8.87 17.96 3.04
CA LYS C 152 -8.49 17.02 4.04
C LYS C 152 -9.71 16.09 4.23
N TRP C 153 -9.48 14.77 4.16
CA TRP C 153 -10.46 13.77 4.54
C TRP C 153 -10.23 13.34 6.00
N LYS C 154 -11.34 13.18 6.74
CA LYS C 154 -11.36 12.65 8.11
C LYS C 154 -12.41 11.58 8.20
N ILE C 155 -12.01 10.49 8.82
CA ILE C 155 -12.90 9.38 9.03
C ILE C 155 -12.95 9.21 10.55
N ASP C 156 -14.12 9.44 11.12
CA ASP C 156 -14.31 9.41 12.57
C ASP C 156 -13.25 10.26 13.27
N GLY C 157 -13.04 11.46 12.73
CA GLY C 157 -12.04 12.43 13.25
C GLY C 157 -10.57 12.14 13.00
N SER C 158 -10.25 11.02 12.37
CA SER C 158 -8.86 10.69 12.11
C SER C 158 -8.52 11.04 10.63
N GLU C 159 -7.43 11.77 10.41
CA GLU C 159 -7.10 12.27 9.07
C GLU C 159 -6.66 11.12 8.17
N ARG C 160 -7.21 11.09 6.96
CA ARG C 160 -6.86 9.99 6.08
C ARG C 160 -6.19 10.55 4.86
N GLN C 161 -4.91 10.22 4.68
CA GLN C 161 -4.12 10.71 3.53
C GLN C 161 -3.94 9.70 2.40
N ASN C 162 -3.80 8.43 2.77
CA ASN C 162 -3.70 7.36 1.78
C ASN C 162 -5.02 7.03 1.12
N GLY C 163 -4.97 6.72 -0.19
CA GLY C 163 -6.16 6.35 -0.96
C GLY C 163 -7.00 7.52 -1.47
N VAL C 164 -6.43 8.73 -1.37
CA VAL C 164 -7.04 9.99 -1.80
C VAL C 164 -6.42 10.40 -3.10
N LEU C 165 -7.22 10.56 -4.13
CA LEU C 165 -6.69 11.11 -5.38
C LEU C 165 -7.55 12.28 -5.83
N ASN C 166 -6.89 13.35 -6.24
CA ASN C 166 -7.49 14.60 -6.54
C ASN C 166 -7.29 14.92 -8.01
N SER C 167 -8.27 15.56 -8.60
CA SER C 167 -8.26 15.89 -10.00
C SER C 167 -8.93 17.24 -10.27
N TRP C 168 -8.40 18.00 -11.24
CA TRP C 168 -8.80 19.41 -11.43
C TRP C 168 -9.26 19.64 -12.87
N THR C 169 -10.33 20.37 -13.05
CA THR C 169 -10.67 20.84 -14.39
C THR C 169 -9.69 21.97 -14.76
N ASP C 170 -9.60 22.27 -16.05
CA ASP C 170 -8.94 23.48 -16.53
C ASP C 170 -9.90 24.61 -16.18
N GLN C 171 -9.45 25.86 -16.28
CA GLN C 171 -10.31 26.96 -16.00
C GLN C 171 -11.49 27.05 -16.97
N ASP C 172 -12.66 27.35 -16.44
CA ASP C 172 -13.82 27.36 -17.29
C ASP C 172 -13.87 28.69 -18.04
N SER C 173 -14.05 28.66 -19.34
CA SER C 173 -14.03 29.91 -20.10
C SER C 173 -15.26 30.78 -19.82
N LYS C 174 -16.37 30.13 -19.43
CA LYS C 174 -17.64 30.80 -19.21
C LYS C 174 -17.69 31.60 -17.93
N ASP C 175 -17.27 31.03 -16.81
CA ASP C 175 -17.28 31.76 -15.51
C ASP C 175 -15.87 31.97 -14.88
N SER C 176 -14.82 31.45 -15.53
CA SER C 176 -13.44 31.69 -15.12
C SER C 176 -13.10 30.98 -13.81
N THR C 177 -13.87 29.93 -13.47
CA THR C 177 -13.64 29.21 -12.25
C THR C 177 -12.93 27.92 -12.56
N TYR C 178 -12.49 27.29 -11.48
CA TYR C 178 -11.92 25.96 -11.47
C TYR C 178 -12.83 25.00 -10.66
N SER C 179 -12.68 23.71 -10.87
CA SER C 179 -13.37 22.73 -10.02
C SER C 179 -12.41 21.60 -9.76
N MET C 180 -12.56 20.91 -8.64
CA MET C 180 -11.77 19.78 -8.32
C MET C 180 -12.58 18.65 -7.72
N SER C 181 -12.13 17.43 -7.94
CA SER C 181 -12.80 16.28 -7.33
C SER C 181 -11.75 15.64 -6.46
N SER C 182 -12.18 15.12 -5.33
CA SER C 182 -11.37 14.37 -4.43
C SER C 182 -12.12 13.06 -4.07
N THR C 183 -11.44 11.94 -4.27
CA THR C 183 -12.05 10.63 -4.12
C THR C 183 -11.19 9.80 -3.19
N LEU C 184 -11.82 9.40 -2.06
CA LEU C 184 -11.22 8.49 -1.11
C LEU C 184 -11.66 7.09 -1.43
N THR C 185 -10.68 6.23 -1.77
CA THR C 185 -10.96 4.89 -2.20
C THR C 185 -10.66 3.96 -1.03
N LEU C 186 -11.66 3.19 -0.62
CA LEU C 186 -11.56 2.21 0.46
C LEU C 186 -12.07 0.91 -0.08
N THR C 187 -11.95 -0.14 0.69
CA THR C 187 -12.73 -1.29 0.37
C THR C 187 -13.98 -1.31 1.26
N LYS C 188 -14.93 -2.14 0.88
CA LYS C 188 -16.23 -2.19 1.54
C LYS C 188 -16.12 -2.54 2.99
N ASP C 189 -15.32 -3.54 3.30
CA ASP C 189 -14.91 -3.81 4.69
C ASP C 189 -14.42 -2.66 5.53
N GLU C 190 -13.48 -1.92 4.99
CA GLU C 190 -12.93 -0.82 5.75
C GLU C 190 -13.98 0.30 5.89
N TYR C 191 -14.73 0.57 4.81
CA TYR C 191 -15.81 1.59 4.84
C TYR C 191 -16.81 1.25 5.97
N GLU C 192 -17.14 -0.04 6.14
CA GLU C 192 -18.20 -0.43 7.08
C GLU C 192 -17.74 -0.38 8.55
N ARG C 193 -16.44 -0.22 8.77
CA ARG C 193 -15.86 -0.10 10.09
C ARG C 193 -16.20 1.20 10.73
N HIS C 194 -16.35 2.25 9.92
CA HIS C 194 -16.39 3.60 10.44
C HIS C 194 -17.74 4.21 10.22
N ASN C 195 -18.00 5.32 10.91
CA ASN C 195 -19.27 5.99 10.78
C ASN C 195 -19.22 7.37 10.13
N SER C 196 -18.41 8.28 10.64
CA SER C 196 -18.43 9.64 10.12
C SER C 196 -17.37 9.90 9.03
N TYR C 197 -17.81 10.36 7.87
CA TYR C 197 -16.92 10.65 6.71
C TYR C 197 -16.99 12.13 6.35
N THR C 198 -15.83 12.80 6.34
CA THR C 198 -15.76 14.24 6.21
C THR C 198 -14.77 14.68 5.13
N CYS C 199 -15.22 15.62 4.29
CA CYS C 199 -14.45 16.30 3.29
C CYS C 199 -14.27 17.74 3.80
N GLU C 200 -13.05 18.16 4.12
CA GLU C 200 -12.79 19.53 4.56
C GLU C 200 -12.02 20.33 3.52
N ALA C 201 -12.56 21.44 3.06
CA ALA C 201 -11.89 22.30 2.08
C ALA C 201 -11.39 23.62 2.59
N THR C 202 -10.10 23.88 2.47
CA THR C 202 -9.55 25.21 2.81
C THR C 202 -9.18 25.99 1.58
N HIS C 203 -9.80 27.15 1.44
CA HIS C 203 -9.59 27.97 0.28
C HIS C 203 -9.30 29.37 0.82
N LYS C 204 -8.56 30.15 0.07
CA LYS C 204 -8.18 31.51 0.47
C LYS C 204 -9.36 32.39 0.90
N THR C 205 -10.55 32.15 0.31
CA THR C 205 -11.76 32.90 0.66
C THR C 205 -12.03 32.92 2.21
N SER C 206 -11.50 31.95 2.94
CA SER C 206 -11.69 31.90 4.38
C SER C 206 -10.60 31.11 5.15
N THR C 207 -10.32 31.59 6.36
CA THR C 207 -9.41 30.92 7.32
C THR C 207 -10.09 29.68 7.83
N SER C 208 -11.42 29.69 7.75
CA SER C 208 -12.26 28.69 8.34
C SER C 208 -12.61 27.58 7.23
N PRO C 209 -12.29 26.28 7.49
CA PRO C 209 -12.48 25.26 6.44
C PRO C 209 -13.94 24.98 6.18
N ILE C 210 -14.27 24.70 4.93
CA ILE C 210 -15.64 24.27 4.53
C ILE C 210 -15.77 22.75 4.74
N VAL C 211 -16.60 22.37 5.69
CA VAL C 211 -16.72 21.01 6.12
C VAL C 211 -18.01 20.43 5.59
N LYS C 212 -17.94 19.33 4.83
CA LYS C 212 -19.12 18.51 4.51
C LYS C 212 -18.94 17.08 4.98
N SER C 213 -20.00 16.52 5.53
CA SER C 213 -19.95 15.28 6.31
C SER C 213 -21.21 14.44 6.18
N PHE C 214 -21.07 13.14 6.35
CA PHE C 214 -22.20 12.25 6.48
C PHE C 214 -21.84 11.14 7.46
N ASN C 215 -22.88 10.53 8.00
CA ASN C 215 -22.77 9.38 8.89
C ASN C 215 -23.24 8.15 8.16
N ARG C 216 -22.40 7.13 8.06
CA ARG C 216 -22.80 5.90 7.35
C ARG C 216 -24.04 5.31 8.00
N ASN C 217 -24.14 5.40 9.32
CA ASN C 217 -25.27 4.77 10.05
C ASN C 217 -26.65 5.39 9.88
N GLU C 218 -26.80 6.36 8.98
CA GLU C 218 -28.04 7.11 8.85
C GLU C 218 -28.09 7.83 7.50
N CYS C 219 -29.06 7.46 6.66
CA CYS C 219 -29.24 8.15 5.38
C CYS C 219 -29.89 9.52 5.63
N GLU D 1 -11.02 25.59 -44.74
CA GLU D 1 -11.24 24.94 -43.41
C GLU D 1 -10.66 23.54 -43.42
N VAL D 2 -9.38 23.46 -43.68
CA VAL D 2 -8.67 22.19 -43.59
C VAL D 2 -9.16 21.33 -42.40
N MET D 3 -9.35 20.04 -42.62
CA MET D 3 -9.73 19.13 -41.55
C MET D 3 -8.79 17.90 -41.49
N LEU D 4 -8.34 17.54 -40.29
CA LEU D 4 -7.42 16.40 -40.13
C LEU D 4 -7.99 15.54 -39.02
N VAL D 5 -8.10 14.24 -39.26
CA VAL D 5 -8.71 13.33 -38.28
C VAL D 5 -7.80 12.17 -38.06
N GLU D 6 -7.24 12.06 -36.85
CA GLU D 6 -6.35 10.97 -36.49
C GLU D 6 -7.16 9.74 -36.06
N SER D 7 -6.66 8.54 -36.35
CA SER D 7 -7.17 7.29 -35.72
C SER D 7 -6.01 6.28 -35.58
N GLY D 8 -6.27 5.12 -34.98
CA GLY D 8 -5.25 4.11 -34.80
C GLY D 8 -4.75 4.00 -33.36
N GLY D 9 -4.99 5.01 -32.54
CA GLY D 9 -4.47 4.94 -31.18
C GLY D 9 -5.13 3.86 -30.32
N GLY D 10 -4.35 3.21 -29.45
CA GLY D 10 -4.99 2.28 -28.52
C GLY D 10 -3.91 1.75 -27.59
N LEU D 11 -4.18 0.60 -26.96
CA LEU D 11 -3.28 0.05 -25.98
C LEU D 11 -2.41 -0.99 -26.65
N VAL D 12 -1.13 -0.95 -26.33
CA VAL D 12 -0.16 -1.87 -26.93
C VAL D 12 0.96 -2.20 -25.96
N LYS D 13 1.41 -3.45 -26.01
CA LYS D 13 2.41 -3.94 -25.08
C LYS D 13 3.74 -3.39 -25.50
N PRO D 14 4.64 -3.18 -24.55
CA PRO D 14 5.99 -2.80 -24.90
C PRO D 14 6.61 -3.78 -25.85
N GLY D 15 7.29 -3.26 -26.86
CA GLY D 15 7.81 -4.08 -27.92
C GLY D 15 6.84 -4.30 -29.03
N GLY D 16 5.57 -3.94 -28.81
CA GLY D 16 4.57 -4.12 -29.85
C GLY D 16 4.53 -3.03 -30.91
N SER D 17 3.48 -3.05 -31.75
CA SER D 17 3.43 -2.22 -32.94
C SER D 17 2.02 -1.66 -33.20
N LEU D 18 1.99 -0.53 -33.93
CA LEU D 18 0.77 0.21 -34.29
C LEU D 18 1.04 1.03 -35.54
N LYS D 19 0.01 1.32 -36.32
CA LYS D 19 0.08 2.25 -37.40
C LYS D 19 -1.04 3.26 -37.18
N LEU D 20 -0.64 4.51 -36.95
CA LEU D 20 -1.58 5.61 -36.89
C LEU D 20 -1.89 6.13 -38.28
N SER D 21 -3.06 6.75 -38.41
CA SER D 21 -3.52 7.32 -39.66
C SER D 21 -4.02 8.78 -39.39
N CYS D 22 -3.91 9.64 -40.38
CA CYS D 22 -4.44 10.97 -40.28
C CYS D 22 -5.13 11.26 -41.60
N ALA D 23 -6.44 11.34 -41.60
CA ALA D 23 -7.19 11.62 -42.82
C ALA D 23 -7.41 13.12 -43.06
N ALA D 24 -7.02 13.58 -44.25
CA ALA D 24 -7.00 14.98 -44.60
C ALA D 24 -8.12 15.26 -45.60
N SER D 25 -8.83 16.36 -45.41
CA SER D 25 -9.75 16.82 -46.40
C SER D 25 -9.81 18.33 -46.32
N GLU D 26 -10.42 18.91 -47.35
CA GLU D 26 -10.80 20.32 -47.41
C GLU D 26 -9.63 21.21 -47.66
N PHE D 27 -8.57 20.63 -48.19
CA PHE D 27 -7.40 21.39 -48.65
C PHE D 27 -6.56 20.45 -49.48
N THR D 28 -5.63 20.98 -50.27
CA THR D 28 -4.89 20.11 -51.15
C THR D 28 -3.73 19.46 -50.45
N PHE D 29 -4.04 18.37 -49.71
CA PHE D 29 -3.08 17.58 -48.91
C PHE D 29 -1.73 17.41 -49.56
N SER D 30 -1.77 17.04 -50.83
CA SER D 30 -0.57 16.67 -51.52
C SER D 30 0.33 17.89 -51.79
N THR D 31 -0.18 19.10 -51.61
CA THR D 31 0.70 20.33 -51.71
C THR D 31 1.70 20.51 -50.55
N TYR D 32 1.38 19.92 -49.40
CA TYR D 32 2.03 20.30 -48.12
C TYR D 32 2.89 19.28 -47.39
N ILE D 33 3.90 19.78 -46.71
CA ILE D 33 4.72 19.00 -45.81
C ILE D 33 3.77 18.66 -44.65
N MET D 34 3.89 17.48 -44.08
CA MET D 34 3.06 17.10 -42.94
C MET D 34 3.93 16.61 -41.80
N SER D 35 3.38 16.77 -40.59
CA SER D 35 4.06 16.44 -39.38
C SER D 35 3.24 15.66 -38.40
N TRP D 36 3.99 14.93 -37.56
CA TRP D 36 3.46 14.28 -36.38
C TRP D 36 4.08 14.92 -35.13
N VAL D 37 3.24 15.24 -34.15
CA VAL D 37 3.68 15.83 -32.92
C VAL D 37 2.91 15.18 -31.81
N ARG D 38 3.58 14.88 -30.72
CA ARG D 38 2.89 14.21 -29.65
C ARG D 38 2.91 14.96 -28.39
N GLN D 39 1.92 14.71 -27.56
CA GLN D 39 1.85 15.31 -26.23
C GLN D 39 1.77 14.26 -25.16
N THR D 40 2.76 14.26 -24.25
CA THR D 40 2.77 13.24 -23.18
C THR D 40 1.58 13.47 -22.24
N PRO D 41 1.24 12.46 -21.42
CA PRO D 41 0.09 12.65 -20.47
C PRO D 41 0.29 13.83 -19.54
N GLU D 42 1.52 14.08 -19.21
CA GLU D 42 1.86 15.22 -18.39
C GLU D 42 2.10 16.51 -19.19
N LYS D 43 1.66 16.52 -20.45
CA LYS D 43 1.54 17.72 -21.26
C LYS D 43 2.78 18.25 -21.96
N ARG D 44 3.88 17.50 -21.93
CA ARG D 44 5.03 17.87 -22.71
C ARG D 44 4.78 17.60 -24.23
N LEU D 45 5.04 18.63 -25.03
CA LEU D 45 4.94 18.56 -26.48
C LEU D 45 6.28 18.13 -27.11
N GLU D 46 6.23 17.14 -27.99
CA GLU D 46 7.42 16.67 -28.68
C GLU D 46 7.15 16.49 -30.13
N TRP D 47 7.99 17.09 -30.94
CA TRP D 47 7.93 16.82 -32.36
C TRP D 47 8.42 15.37 -32.62
N VAL D 48 7.72 14.64 -33.47
CA VAL D 48 8.05 13.23 -33.70
C VAL D 48 8.60 13.08 -35.12
N ALA D 49 7.87 13.53 -36.12
CA ALA D 49 8.28 13.25 -37.49
C ALA D 49 7.73 14.24 -38.49
N THR D 50 8.47 14.42 -39.58
CA THR D 50 8.02 15.27 -40.67
C THR D 50 8.25 14.57 -42.00
N ILE D 51 7.31 14.73 -42.89
CA ILE D 51 7.38 14.12 -44.24
C ILE D 51 7.17 15.15 -45.28
N SER D 52 8.06 15.17 -46.28
CA SER D 52 7.88 16.08 -47.41
C SER D 52 6.59 15.85 -48.16
N SER D 53 6.18 16.84 -48.93
CA SER D 53 4.91 16.82 -49.65
C SER D 53 4.69 15.62 -50.59
N SER D 54 5.75 15.16 -51.26
CA SER D 54 5.65 14.14 -52.31
C SER D 54 5.96 12.81 -51.68
N GLY D 55 6.71 12.84 -50.58
CA GLY D 55 7.06 11.67 -49.81
C GLY D 55 8.54 11.42 -49.71
N THR D 56 9.36 12.06 -50.52
CA THR D 56 10.80 11.70 -50.53
C THR D 56 11.50 11.82 -49.17
N TYR D 57 11.39 13.00 -48.55
CA TYR D 57 12.20 13.31 -47.38
C TYR D 57 11.46 13.04 -46.06
N THR D 58 12.17 12.48 -45.07
CA THR D 58 11.60 12.23 -43.73
C THR D 58 12.55 12.61 -42.59
N TYR D 59 12.00 12.95 -41.44
CA TYR D 59 12.80 13.38 -40.31
C TYR D 59 12.18 12.86 -39.04
N TYR D 60 13.01 12.58 -38.02
CA TYR D 60 12.52 12.06 -36.74
C TYR D 60 13.18 12.60 -35.47
N ARG D 61 12.51 12.57 -34.33
CA ARG D 61 13.19 12.82 -33.05
C ARG D 61 14.09 11.61 -32.72
N ASP D 62 15.19 11.88 -32.02
CA ASP D 62 16.17 10.85 -31.71
C ASP D 62 15.49 9.60 -31.12
N SER D 63 14.66 9.80 -30.09
CA SER D 63 14.14 8.70 -29.28
C SER D 63 13.24 7.71 -30.04
N VAL D 64 13.22 7.82 -31.36
CA VAL D 64 12.16 7.25 -32.16
C VAL D 64 12.70 6.77 -33.50
N LYS D 65 13.83 7.33 -33.89
CA LYS D 65 14.61 6.83 -35.02
C LYS D 65 14.91 5.33 -34.90
N GLY D 66 14.59 4.63 -35.99
CA GLY D 66 14.49 3.17 -36.11
C GLY D 66 13.07 2.63 -36.02
N ARG D 67 12.37 3.03 -34.95
CA ARG D 67 11.13 2.42 -34.57
C ARG D 67 9.92 2.93 -35.39
N PHE D 68 9.95 4.19 -35.89
CA PHE D 68 8.82 4.81 -36.58
C PHE D 68 9.13 5.06 -38.04
N THR D 69 8.10 4.95 -38.86
CA THR D 69 8.14 5.30 -40.26
C THR D 69 6.90 6.16 -40.62
N VAL D 70 7.13 7.40 -41.04
CA VAL D 70 6.06 8.26 -41.52
C VAL D 70 5.95 8.06 -43.00
N SER D 71 4.72 7.99 -43.51
CA SER D 71 4.46 7.87 -44.95
C SER D 71 3.16 8.53 -45.28
N ARG D 72 2.88 8.67 -46.57
CA ARG D 72 1.63 9.27 -46.98
C ARG D 72 1.03 8.69 -48.24
N ASP D 73 -0.28 8.71 -48.31
CA ASP D 73 -1.01 8.33 -49.55
C ASP D 73 -1.63 9.60 -50.19
N ASN D 74 -0.93 10.17 -51.17
CA ASN D 74 -1.41 11.38 -51.81
C ASN D 74 -2.58 11.17 -52.76
N ALA D 75 -2.86 9.90 -53.14
CA ALA D 75 -4.05 9.58 -53.92
C ALA D 75 -5.32 9.72 -53.04
N ASN D 76 -5.24 9.24 -51.81
CA ASN D 76 -6.40 9.29 -50.93
C ASN D 76 -6.25 10.25 -49.76
N ASN D 77 -5.17 11.00 -49.71
CA ASN D 77 -5.07 12.08 -48.78
C ASN D 77 -5.04 11.59 -47.31
N ILE D 78 -4.10 10.72 -47.03
CA ILE D 78 -3.99 10.08 -45.71
C ILE D 78 -2.55 10.04 -45.34
N LEU D 79 -2.24 10.43 -44.10
CA LEU D 79 -0.88 10.44 -43.59
C LEU D 79 -0.79 9.30 -42.61
N TYR D 80 0.35 8.64 -42.53
CA TYR D 80 0.54 7.49 -41.65
C TYR D 80 1.74 7.62 -40.79
N LEU D 81 1.67 6.97 -39.63
CA LEU D 81 2.83 6.75 -38.81
C LEU D 81 2.85 5.28 -38.34
N GLN D 82 3.79 4.52 -38.89
CA GLN D 82 4.02 3.11 -38.45
C GLN D 82 4.92 3.20 -37.23
N MET D 83 4.44 2.65 -36.11
CA MET D 83 5.19 2.67 -34.85
C MET D 83 5.48 1.23 -34.34
N SER D 84 6.70 0.77 -34.58
CA SER D 84 7.14 -0.54 -34.14
C SER D 84 8.02 -0.47 -32.89
N SER D 85 8.16 -1.61 -32.23
CA SER D 85 8.89 -1.73 -30.98
C SER D 85 8.60 -0.55 -30.01
N LEU D 86 7.34 -0.42 -29.61
CA LEU D 86 6.96 0.67 -28.76
C LEU D 86 7.58 0.51 -27.34
N ARG D 87 7.79 1.67 -26.71
CA ARG D 87 8.25 1.81 -25.34
C ARG D 87 7.32 2.71 -24.54
N SER D 88 7.35 2.60 -23.21
CA SER D 88 6.33 3.28 -22.41
C SER D 88 6.48 4.82 -22.58
N GLU D 89 7.70 5.28 -22.89
CA GLU D 89 7.94 6.70 -23.21
C GLU D 89 7.20 7.21 -24.46
N ASP D 90 6.69 6.30 -25.29
CA ASP D 90 5.92 6.71 -26.44
C ASP D 90 4.47 6.96 -26.11
N THR D 91 4.05 6.71 -24.86
CA THR D 91 2.65 6.89 -24.43
C THR D 91 2.40 8.39 -24.57
N ALA D 92 1.34 8.78 -25.28
CA ALA D 92 1.08 10.21 -25.60
C ALA D 92 -0.11 10.30 -26.50
N LEU D 93 -0.65 11.51 -26.61
CA LEU D 93 -1.64 11.83 -27.65
C LEU D 93 -0.89 12.23 -28.89
N TYR D 94 -1.21 11.63 -30.03
CA TYR D 94 -0.44 11.83 -31.29
C TYR D 94 -1.25 12.71 -32.21
N TYR D 95 -0.69 13.87 -32.59
CA TYR D 95 -1.39 14.81 -33.50
C TYR D 95 -0.72 14.80 -34.92
N CYS D 96 -1.52 14.87 -35.98
CA CYS D 96 -0.95 15.16 -37.26
C CYS D 96 -1.16 16.66 -37.51
N ALA D 97 -0.21 17.25 -38.17
CA ALA D 97 -0.33 18.68 -38.45
C ALA D 97 0.20 19.04 -39.82
N ARG D 98 -0.49 19.97 -40.44
CA ARG D 98 0.02 20.59 -41.66
C ARG D 98 1.15 21.53 -41.27
N ARG D 99 2.23 21.45 -42.04
CA ARG D 99 3.43 22.14 -41.76
C ARG D 99 3.70 22.99 -42.99
N ASP D 100 3.45 24.31 -42.91
CA ASP D 100 3.74 25.25 -44.04
C ASP D 100 5.18 25.74 -44.05
N TYR D 101 6.09 24.80 -44.30
CA TYR D 101 7.55 25.01 -44.33
C TYR D 101 8.01 25.74 -43.05
N TYR D 102 8.69 26.88 -43.17
CA TYR D 102 9.09 27.64 -41.99
C TYR D 102 8.03 28.65 -41.45
N ASP D 103 6.78 28.46 -41.85
CA ASP D 103 5.69 29.34 -41.47
C ASP D 103 4.72 28.63 -40.43
N GLY D 104 5.15 27.49 -39.87
CA GLY D 104 4.47 26.92 -38.67
C GLY D 104 3.66 25.68 -38.92
N PHE D 105 3.27 25.04 -37.84
CA PHE D 105 2.24 24.06 -37.83
C PHE D 105 0.88 24.77 -37.89
N THR D 106 0.31 24.81 -39.07
CA THR D 106 -0.84 25.69 -39.29
C THR D 106 -2.20 25.13 -38.95
N TYR D 107 -2.38 23.83 -39.15
CA TYR D 107 -3.61 23.13 -38.82
C TYR D 107 -3.27 21.80 -38.16
N TRP D 108 -4.04 21.46 -37.13
CA TRP D 108 -3.81 20.26 -36.31
C TRP D 108 -5.06 19.42 -36.21
N GLY D 109 -4.87 18.12 -35.95
CA GLY D 109 -6.00 17.25 -35.75
C GLY D 109 -6.37 17.31 -34.28
N GLN D 110 -7.29 16.48 -33.86
CA GLN D 110 -7.66 16.39 -32.44
C GLN D 110 -6.77 15.42 -31.65
N GLY D 111 -6.02 14.58 -32.34
CA GLY D 111 -5.12 13.64 -31.73
C GLY D 111 -5.71 12.26 -31.51
N THR D 112 -4.86 11.25 -31.45
CA THR D 112 -5.27 9.85 -31.11
C THR D 112 -4.31 9.26 -30.06
N LEU D 113 -4.85 8.62 -29.03
CA LEU D 113 -4.10 8.34 -27.82
C LEU D 113 -3.43 6.96 -27.91
N VAL D 114 -2.13 6.92 -27.73
CA VAL D 114 -1.38 5.68 -27.77
C VAL D 114 -0.90 5.41 -26.38
N THR D 115 -1.25 4.23 -25.84
CA THR D 115 -0.83 3.82 -24.50
C THR D 115 0.01 2.55 -24.59
N VAL D 116 1.26 2.67 -24.17
CA VAL D 116 2.16 1.54 -24.21
C VAL D 116 2.31 0.92 -22.80
N SER D 117 1.68 -0.23 -22.60
CA SER D 117 1.68 -0.89 -21.31
C SER D 117 1.31 -2.40 -21.48
N ALA D 118 1.73 -3.21 -20.51
CA ALA D 118 1.40 -4.64 -20.46
C ALA D 118 0.17 -4.87 -19.64
N ALA D 119 -0.41 -3.82 -19.07
CA ALA D 119 -1.65 -3.98 -18.36
C ALA D 119 -2.74 -4.41 -19.31
N LYS D 120 -3.79 -5.02 -18.77
CA LYS D 120 -4.89 -5.53 -19.57
C LYS D 120 -5.98 -4.47 -19.73
N THR D 121 -6.68 -4.54 -20.86
CA THR D 121 -7.90 -3.80 -21.13
C THR D 121 -8.96 -4.17 -20.14
N THR D 122 -9.63 -3.17 -19.59
CA THR D 122 -10.55 -3.35 -18.51
C THR D 122 -11.67 -2.36 -18.70
N PRO D 123 -12.89 -2.86 -18.76
CA PRO D 123 -14.00 -1.92 -18.83
C PRO D 123 -14.28 -1.20 -17.49
N PRO D 124 -14.91 0.00 -17.56
CA PRO D 124 -15.24 0.76 -16.35
C PRO D 124 -16.48 0.19 -15.65
N SER D 125 -16.53 0.27 -14.32
CA SER D 125 -17.81 0.19 -13.63
C SER D 125 -18.32 1.62 -13.39
N VAL D 126 -19.63 1.80 -13.50
CA VAL D 126 -20.21 3.14 -13.47
C VAL D 126 -21.19 3.25 -12.32
N TYR D 127 -20.92 4.17 -11.41
CA TYR D 127 -21.73 4.30 -10.21
C TYR D 127 -22.37 5.68 -10.11
N PRO D 128 -23.58 5.74 -9.58
CA PRO D 128 -24.23 6.99 -9.43
C PRO D 128 -23.78 7.69 -8.17
N LEU D 129 -23.80 9.03 -8.25
CA LEU D 129 -23.44 9.91 -7.17
C LEU D 129 -24.66 10.79 -6.97
N ALA D 130 -25.52 10.37 -6.05
CA ALA D 130 -26.71 11.10 -5.71
C ALA D 130 -26.57 11.64 -4.28
N PRO D 131 -27.19 12.81 -4.02
CA PRO D 131 -27.22 13.42 -2.69
C PRO D 131 -27.53 12.43 -1.58
N GLY D 132 -26.72 12.48 -0.53
CA GLY D 132 -26.94 11.68 0.68
C GLY D 132 -27.41 12.56 1.82
N SER D 133 -28.41 12.10 2.58
CA SER D 133 -29.06 12.91 3.63
C SER D 133 -29.81 14.10 2.98
N ALA D 134 -30.22 13.90 1.73
CA ALA D 134 -30.62 14.99 0.83
C ALA D 134 -31.88 15.68 1.33
N ALA D 135 -31.96 16.97 1.02
CA ALA D 135 -33.14 17.77 1.31
C ALA D 135 -34.07 17.84 0.08
N GLN D 136 -33.49 18.08 -1.10
CA GLN D 136 -34.26 18.42 -2.31
C GLN D 136 -34.92 19.81 -2.14
N THR D 137 -35.56 20.32 -3.21
CA THR D 137 -35.96 21.76 -3.35
C THR D 137 -34.89 22.72 -2.83
N ASN D 138 -33.65 22.42 -3.23
CA ASN D 138 -32.44 23.20 -2.91
C ASN D 138 -32.17 24.27 -3.97
N SER D 139 -33.14 24.51 -4.86
CA SER D 139 -32.99 25.37 -6.04
C SER D 139 -31.83 24.92 -6.98
N MET D 140 -30.84 24.19 -6.42
CA MET D 140 -29.73 23.64 -7.21
C MET D 140 -29.09 22.41 -6.56
N VAL D 141 -28.98 21.33 -7.33
CA VAL D 141 -28.52 20.04 -6.79
C VAL D 141 -27.43 19.48 -7.69
N THR D 142 -26.43 18.89 -7.05
CA THR D 142 -25.22 18.44 -7.73
C THR D 142 -25.20 16.94 -7.71
N LEU D 143 -25.20 16.37 -8.90
CA LEU D 143 -25.20 14.93 -9.08
C LEU D 143 -23.88 14.54 -9.71
N GLY D 144 -23.69 13.24 -9.94
CA GLY D 144 -22.48 12.79 -10.62
C GLY D 144 -22.42 11.31 -10.97
N CYS D 145 -21.41 10.96 -11.76
CA CYS D 145 -21.15 9.59 -12.15
C CYS D 145 -19.70 9.35 -11.84
N LEU D 146 -19.42 8.22 -11.21
CA LEU D 146 -18.06 7.80 -10.94
C LEU D 146 -17.77 6.70 -11.91
N VAL D 147 -16.74 6.88 -12.70
CA VAL D 147 -16.36 5.93 -13.71
C VAL D 147 -15.08 5.29 -13.24
N LYS D 148 -15.15 4.05 -12.79
CA LYS D 148 -14.07 3.48 -12.04
C LYS D 148 -13.48 2.21 -12.59
N GLY D 149 -12.15 2.10 -12.48
CA GLY D 149 -11.44 0.87 -12.70
C GLY D 149 -11.24 0.44 -14.15
N TYR D 150 -10.94 1.40 -15.03
CA TYR D 150 -10.87 1.09 -16.47
C TYR D 150 -9.46 1.33 -16.99
N PHE D 151 -9.19 0.70 -18.11
CA PHE D 151 -7.93 0.83 -18.81
C PHE D 151 -8.14 0.36 -20.24
N PRO D 152 -7.52 1.07 -21.20
CA PRO D 152 -6.74 2.32 -21.11
C PRO D 152 -7.66 3.52 -21.18
N GLU D 153 -7.10 4.72 -21.23
CA GLU D 153 -7.88 5.90 -21.63
C GLU D 153 -8.15 5.81 -23.14
N PRO D 154 -9.14 6.54 -23.68
CA PRO D 154 -10.05 7.47 -23.01
C PRO D 154 -11.40 6.88 -22.70
N VAL D 155 -12.18 7.61 -21.90
CA VAL D 155 -13.67 7.39 -21.83
C VAL D 155 -14.38 8.65 -22.28
N THR D 156 -15.66 8.57 -22.66
CA THR D 156 -16.39 9.79 -22.93
C THR D 156 -17.59 9.71 -22.05
N VAL D 157 -17.97 10.83 -21.49
CA VAL D 157 -19.15 10.92 -20.67
C VAL D 157 -20.04 12.04 -21.14
N THR D 158 -21.35 11.81 -21.21
CA THR D 158 -22.32 12.83 -21.45
C THR D 158 -23.45 12.67 -20.46
N TRP D 159 -24.35 13.66 -20.44
CA TRP D 159 -25.47 13.60 -19.58
C TRP D 159 -26.75 13.79 -20.38
N ASN D 160 -27.76 13.01 -20.06
CA ASN D 160 -29.06 12.98 -20.83
C ASN D 160 -28.82 13.01 -22.32
N SER D 161 -27.84 12.23 -22.72
CA SER D 161 -27.50 12.02 -24.10
C SER D 161 -27.03 13.29 -24.81
N GLY D 162 -26.37 14.19 -24.07
CA GLY D 162 -25.91 15.48 -24.67
C GLY D 162 -26.91 16.63 -24.54
N SER D 163 -28.14 16.37 -24.09
CA SER D 163 -29.12 17.42 -23.76
C SER D 163 -28.53 18.41 -22.71
N LEU D 164 -27.87 17.86 -21.69
CA LEU D 164 -27.41 18.59 -20.51
C LEU D 164 -25.96 18.91 -20.75
N SER D 165 -25.65 20.11 -21.19
CA SER D 165 -24.28 20.50 -21.54
C SER D 165 -23.68 21.38 -20.45
N SER D 166 -24.45 22.37 -20.02
CA SER D 166 -24.03 23.37 -19.04
C SER D 166 -24.15 22.85 -17.60
N GLY D 167 -23.26 23.33 -16.76
CA GLY D 167 -23.19 22.90 -15.37
C GLY D 167 -22.55 21.52 -15.19
N VAL D 168 -21.90 21.03 -16.24
CA VAL D 168 -21.19 19.72 -16.24
C VAL D 168 -19.69 19.94 -16.09
N HIS D 169 -19.04 19.20 -15.19
CA HIS D 169 -17.57 19.15 -15.12
C HIS D 169 -17.20 17.72 -15.15
N THR D 170 -16.44 17.33 -16.17
CA THR D 170 -15.87 15.99 -16.21
C THR D 170 -14.39 16.08 -15.95
N PHE D 171 -13.97 15.48 -14.85
CA PHE D 171 -12.60 15.65 -14.38
C PHE D 171 -11.59 14.74 -15.10
N PRO D 172 -10.32 15.17 -15.19
CA PRO D 172 -9.32 14.28 -15.74
C PRO D 172 -9.21 12.97 -14.97
N ALA D 173 -8.99 11.88 -15.70
CA ALA D 173 -8.79 10.58 -15.10
C ALA D 173 -7.49 10.60 -14.32
N VAL D 174 -7.52 9.93 -13.16
CA VAL D 174 -6.32 9.61 -12.38
C VAL D 174 -6.00 8.12 -12.45
N LEU D 175 -4.72 7.83 -12.53
CA LEU D 175 -4.25 6.48 -12.75
C LEU D 175 -3.62 5.88 -11.51
N GLN D 176 -4.11 4.71 -11.09
CA GLN D 176 -3.66 4.05 -9.86
C GLN D 176 -3.43 2.59 -10.26
N SER D 177 -2.19 2.12 -10.26
CA SER D 177 -1.96 0.68 -10.51
C SER D 177 -2.65 0.11 -11.77
N ASP D 178 -2.39 0.77 -12.88
CA ASP D 178 -2.93 0.40 -14.18
C ASP D 178 -4.44 0.42 -14.34
N LEU D 179 -5.14 1.21 -13.51
CA LEU D 179 -6.58 1.40 -13.65
C LEU D 179 -6.81 2.90 -13.48
N TYR D 180 -7.68 3.44 -14.31
CA TYR D 180 -8.02 4.88 -14.25
C TYR D 180 -9.34 5.03 -13.57
N THR D 181 -9.50 6.14 -12.83
CA THR D 181 -10.78 6.50 -12.27
C THR D 181 -11.07 7.98 -12.60
N LEU D 182 -12.32 8.25 -12.96
CA LEU D 182 -12.79 9.59 -13.34
C LEU D 182 -14.13 9.83 -12.73
N SER D 183 -14.44 11.07 -12.44
CA SER D 183 -15.78 11.44 -12.09
C SER D 183 -16.24 12.63 -12.96
N SER D 184 -17.56 12.77 -13.06
CA SER D 184 -18.19 13.86 -13.77
C SER D 184 -19.31 14.31 -12.91
N SER D 185 -19.45 15.62 -12.81
CA SER D 185 -20.48 16.21 -11.97
C SER D 185 -21.34 17.06 -12.87
N VAL D 186 -22.57 17.16 -12.48
CA VAL D 186 -23.53 18.03 -13.18
C VAL D 186 -24.37 18.67 -12.12
N THR D 187 -24.68 19.94 -12.32
CA THR D 187 -25.54 20.61 -11.35
C THR D 187 -26.85 20.99 -12.00
N VAL D 188 -27.94 20.52 -11.43
CA VAL D 188 -29.26 20.85 -12.01
C VAL D 188 -30.10 21.69 -11.02
N PRO D 189 -30.99 22.54 -11.57
CA PRO D 189 -31.98 23.16 -10.70
C PRO D 189 -32.81 22.07 -10.07
N SER D 190 -33.07 22.19 -8.78
CA SER D 190 -33.99 21.29 -8.14
C SER D 190 -35.31 21.40 -8.90
N SER D 191 -36.01 20.28 -8.97
CA SER D 191 -37.20 20.10 -9.81
C SER D 191 -36.93 20.12 -11.34
N THR D 192 -35.66 20.12 -11.72
CA THR D 192 -35.23 19.31 -12.87
C THR D 192 -34.93 17.85 -12.38
N TRP D 193 -34.92 17.65 -11.05
CA TRP D 193 -34.57 16.38 -10.44
C TRP D 193 -34.94 16.45 -8.94
N PRO D 194 -35.45 15.36 -8.34
CA PRO D 194 -35.65 13.98 -8.86
C PRO D 194 -36.82 13.88 -9.80
N SER D 195 -37.50 14.99 -10.02
CA SER D 195 -38.75 14.96 -10.72
C SER D 195 -38.48 14.46 -12.18
N GLU D 196 -37.78 15.25 -13.01
CA GLU D 196 -37.31 14.72 -14.30
C GLU D 196 -36.17 13.72 -14.02
N THR D 197 -35.72 13.06 -15.08
CA THR D 197 -34.67 12.07 -14.93
C THR D 197 -33.34 12.61 -15.44
N VAL D 198 -32.28 12.20 -14.75
CA VAL D 198 -30.95 12.60 -15.12
C VAL D 198 -30.10 11.32 -15.22
N THR D 199 -29.45 11.13 -16.37
CA THR D 199 -28.71 9.95 -16.67
C THR D 199 -27.34 10.27 -17.24
N CYS D 200 -26.28 9.62 -16.76
CA CYS D 200 -24.98 9.78 -17.39
C CYS D 200 -24.72 8.64 -18.35
N ASN D 201 -24.15 8.98 -19.51
CA ASN D 201 -23.83 8.06 -20.60
C ASN D 201 -22.31 7.96 -20.71
N VAL D 202 -21.78 6.75 -20.48
CA VAL D 202 -20.35 6.52 -20.50
C VAL D 202 -20.02 5.55 -21.58
N ALA D 203 -19.00 5.90 -22.35
CA ALA D 203 -18.47 5.07 -23.42
C ALA D 203 -17.00 4.84 -23.20
N HIS D 204 -16.59 3.58 -23.34
CA HIS D 204 -15.18 3.19 -23.27
C HIS D 204 -14.84 2.41 -24.56
N PRO D 205 -14.42 3.13 -25.62
CA PRO D 205 -14.12 2.49 -26.90
C PRO D 205 -13.21 1.26 -26.76
N ALA D 206 -12.18 1.32 -25.92
CA ALA D 206 -11.22 0.25 -25.99
C ALA D 206 -11.80 -1.09 -25.62
N SER D 207 -12.85 -1.13 -24.79
CA SER D 207 -13.52 -2.39 -24.42
C SER D 207 -14.90 -2.50 -25.07
N SER D 208 -15.15 -1.68 -26.07
CA SER D 208 -16.48 -1.59 -26.67
C SER D 208 -17.58 -1.66 -25.60
N THR D 209 -17.46 -0.83 -24.58
CA THR D 209 -18.46 -0.67 -23.50
C THR D 209 -19.24 0.63 -23.66
N LYS D 210 -20.54 0.53 -23.49
CA LYS D 210 -21.27 1.75 -23.20
C LYS D 210 -22.42 1.45 -22.27
N VAL D 211 -22.50 2.30 -21.25
CA VAL D 211 -23.35 2.10 -20.13
C VAL D 211 -24.10 3.40 -19.87
N ASP D 212 -25.39 3.29 -19.57
CA ASP D 212 -26.18 4.44 -19.16
C ASP D 212 -26.54 4.22 -17.69
N LYS D 213 -26.36 5.24 -16.87
CA LYS D 213 -26.78 5.17 -15.48
C LYS D 213 -27.67 6.32 -15.08
N LYS D 214 -28.90 5.98 -14.73
CA LYS D 214 -29.83 6.93 -14.17
C LYS D 214 -29.48 7.30 -12.74
N ILE D 215 -29.48 8.59 -12.43
CA ILE D 215 -29.22 8.99 -11.05
C ILE D 215 -30.56 9.11 -10.33
N VAL D 216 -30.76 8.25 -9.33
CA VAL D 216 -31.98 8.25 -8.52
C VAL D 216 -31.71 8.54 -7.03
N PRO D 217 -32.73 9.07 -6.34
CA PRO D 217 -32.47 9.49 -4.96
C PRO D 217 -32.16 8.32 -4.09
N ARG D 218 -31.31 8.55 -3.08
CA ARG D 218 -31.01 7.53 -2.07
C ARG D 218 -32.29 7.27 -1.27
N ASP D 219 -32.76 6.01 -1.29
CA ASP D 219 -33.91 5.61 -0.49
C ASP D 219 -33.40 5.42 0.93
N CYS D 220 -33.80 6.33 1.82
CA CYS D 220 -33.21 6.42 3.15
C CYS D 220 -33.97 5.56 4.17
O10 9T0 E . 16.58 -14.88 55.32
C25 9T0 E . 16.98 -15.51 56.32
O11 9T0 E . 16.32 -16.37 56.96
C24 9T0 E . 18.39 -15.20 56.81
C23 9T0 E . 19.34 -15.35 55.60
C22 9T0 E . 19.96 -16.76 55.57
C21 9T0 E . 18.80 -17.84 55.64
O9 9T0 E . 18.71 -18.60 56.61
O5 9T0 E . 17.89 -17.89 54.60
C12 9T0 E . 18.54 -17.80 53.34
C11 9T0 E . 17.43 -18.18 52.36
N1 9T0 E . 16.38 -17.15 52.42
C13 9T0 E . 15.12 -17.38 52.75
O6 9T0 E . 14.64 -18.48 53.03
C14 9T0 E . 14.24 -16.13 52.66
CL2 9T0 E . 13.18 -16.32 51.15
CL1 9T0 E . 13.31 -15.94 54.11
C10 9T0 E . 17.84 -18.05 50.97
C15 9T0 E . 16.93 -18.48 49.97
C16 9T0 E . 16.38 -17.48 49.13
C17 9T0 E . 15.43 -17.78 48.13
C18 9T0 E . 14.96 -19.09 48.02
N2 9T0 E . 14.02 -19.42 47.03
O8 9T0 E . 13.54 -20.58 47.00
O7 9T0 E . 13.64 -18.47 46.19
C19 9T0 E . 15.45 -20.09 48.87
C20 9T0 E . 16.45 -19.79 49.86
O4 9T0 E . 18.68 -16.98 50.73
P93 9T0 E . 20.23 -16.95 50.36
O2 9T0 E . 20.65 -15.94 51.37
O3 9T0 E . 20.83 -18.27 50.42
C9 9T0 E . 20.37 -16.19 48.77
C8 9T0 E . 19.47 -16.73 47.75
C7 9T0 E . 18.71 -15.86 46.92
C6 9T0 E . 17.84 -16.35 45.92
C5 9T0 E . 19.26 -18.10 47.52
C4 9T0 E . 18.41 -18.57 46.53
C3 9T0 E . 17.65 -17.70 45.74
N3 9T0 E . 16.84 -18.30 44.75
C2 9T0 E . 15.76 -17.71 44.24
O1 9T0 E . 15.42 -16.55 44.50
C1 9T0 E . 15.01 -18.57 43.17
F1 9T0 E . 15.50 -18.19 41.96
F2 9T0 E . 15.26 -19.84 43.34
F3 9T0 E . 13.73 -18.29 43.16
O10 9T0 F . 14.54 24.77 -50.22
C25 9T0 F . 14.83 23.90 -49.37
O11 9T0 F . 14.04 22.98 -49.02
C24 9T0 F . 16.25 23.92 -48.78
C23 9T0 F . 16.96 22.96 -49.71
C22 9T0 F . 18.10 22.20 -49.03
C21 9T0 F . 17.55 20.99 -48.20
O9 9T0 F . 18.31 20.02 -48.00
O5 9T0 F . 16.24 21.06 -47.70
C12 9T0 F . 16.32 20.78 -46.33
C11 9T0 F . 14.93 21.05 -45.81
N1 9T0 F . 14.04 19.92 -46.18
C13 9T0 F . 12.86 20.05 -46.80
O6 9T0 F . 12.37 21.10 -47.20
C14 9T0 F . 12.10 18.77 -47.03
CL2 9T0 F . 10.42 18.79 -46.16
CL1 9T0 F . 11.92 18.64 -48.79
C10 9T0 F . 14.92 21.00 -44.36
C15 9T0 F . 13.66 21.28 -43.79
C16 9T0 F . 12.81 20.24 -43.39
C17 9T0 F . 11.55 20.41 -42.83
C18 9T0 F . 11.03 21.69 -42.65
N2 9T0 F . 9.81 21.90 -42.10
O8 9T0 F . 9.36 23.15 -42.03
O7 9T0 F . 9.13 20.94 -41.52
C19 9T0 F . 11.84 22.76 -43.07
C20 9T0 F . 13.11 22.55 -43.64
O4 9T0 F . 15.49 19.96 -43.83
P93 9T0 F . 16.86 20.04 -43.03
O2 9T0 F . 17.81 19.14 -43.71
O3 9T0 F . 17.29 21.46 -42.85
C9 9T0 F . 16.58 19.31 -41.45
C8 9T0 F . 15.32 19.74 -40.80
C7 9T0 F . 14.54 18.81 -40.13
C6 9T0 F . 13.34 19.17 -39.47
C5 9T0 F . 14.87 21.07 -40.79
C4 9T0 F . 13.67 21.47 -40.11
C3 9T0 F . 12.86 20.50 -39.48
N3 9T0 F . 11.70 20.89 -38.82
C2 9T0 F . 10.55 20.16 -38.84
O1 9T0 F . 10.36 19.13 -39.50
C1 9T0 F . 9.40 20.75 -38.03
F1 9T0 F . 9.41 20.41 -36.87
F2 9T0 F . 9.53 22.16 -38.02
F3 9T0 F . 8.38 20.38 -38.51
#